data_7WA4
#
_entry.id   7WA4
#
_cell.length_a   104.750
_cell.length_b   104.750
_cell.length_c   232.161
_cell.angle_alpha   90.000
_cell.angle_beta   90.000
_cell.angle_gamma   120.000
#
_symmetry.space_group_name_H-M   'P 61'
#
loop_
_entity.id
_entity.type
_entity.pdbx_description
1 polymer 'Protein GIGANTEA'
2 polymer 'Adagio protein 2'
3 non-polymer 'FLAVIN MONONUCLEOTIDE'
#
loop_
_entity_poly.entity_id
_entity_poly.type
_entity_poly.pdbx_seq_one_letter_code
_entity_poly.pdbx_strand_id
1 'polypeptide(L)'
;GS(MSE)ASSSSSERWIDGLQFSSLLWPPPRDPQQHKDQVVAYVEYFGQFTSEQFPDDIAELVRHQYPSTEKRLLDDVLA
(MSE)FVLHHPEHGHAVILPIISCLIDGSLVYSKEAHPFASFISLVCPSSENDYSEQWALACGEILRILTHYNRPIYKTE
QQNGDTERNCLSKATTSGSPTSEPKAGSPTQHERKPLRPLSPWISDILLAAPLGIRSDYFRWCSGV(MSE)GKYAAGELK
PPTIASRGSGKHPQL(MSE)PSTPRWAVANGAGVILSVCDDEVARYETATLTAVAVPALLLPPPTTSLDEHLVAGLPALE
PYARLFHRYYAIATPSATQRLLLGLLEAPPSWAPDALDAAVQLVELLRAAEDYASGVRLPRNW(MSE)HLHFLRAIGIA
(MSE)S(MSE)RAGVAADAAAALLFRILSQPALLFPPLSQVEGVEIQHAPIGGYSSNYRKQIEVPAAEATIEATAQGIAS
(MSE)LCAHGPEVEWRICTIWEAAYGLIPLNSSAVDLPEIIVATPLQPPILSWNLYIPLLKVLEYLPRGSPSEACL
(MSE)KIFVATVETILSRTFPPESSRELTRKARSSFTTRSATKNLA(MSE)SELRA(MSE)VHALFLESCAGVELASRLL
FVVLTVCVSHEAQSSGSKRPRSEYASTTENIEANQPVSNNQTANRKSRNVKGQGPVAAFDSYVLAAVCALACEVQLYP
(MSE)ISGGGNFSNSAVAGTITKPVKINGSSKEYGAGIDSAISHTRRILAILEALFSLKPSSVGTPWSYSSSEIVAAA
(MSE)VAAHISELFRRSKALTHALSGL(MSE)RCKWDKEIHKRASSLYNLIDVHSKVVASIVDKAEPLEAYLKNTPVQKD
;
A
2 'polypeptide(L)'
;GSNGAIPFPVGSLPGTAPCGFVVSDALEPDNPIIYVNTVFEIVTGYRAEEVIGRNCRFLQCRGPFTKRRHPMVDSTIVAK
MRQCLENGIEFQGELLNFRKDGSPLMNKLRLVPIREEDEITHFIGVLLFTDAKIDLGP
;
B
#
loop_
_chem_comp.id
_chem_comp.type
_chem_comp.name
_chem_comp.formula
FMN non-polymer 'FLAVIN MONONUCLEOTIDE' 'C17 H21 N4 O9 P'
#
# COMPACT_ATOMS: atom_id res chain seq x y z
N ARG A 11 28.97 -2.58 57.17
CA ARG A 11 29.86 -3.50 57.88
C ARG A 11 30.03 -4.83 57.15
N TRP A 12 28.92 -5.40 56.69
CA TRP A 12 28.91 -6.81 56.33
C TRP A 12 29.50 -7.07 54.95
N ILE A 13 29.33 -6.15 54.00
CA ILE A 13 30.04 -6.27 52.72
C ILE A 13 31.52 -6.49 52.96
N ASP A 14 32.10 -5.68 53.85
CA ASP A 14 33.52 -5.77 54.15
C ASP A 14 33.90 -7.15 54.66
N GLY A 15 32.96 -7.85 55.29
CA GLY A 15 33.24 -9.18 55.79
C GLY A 15 33.36 -10.21 54.69
N LEU A 16 32.41 -10.26 53.78
CA LEU A 16 32.50 -11.30 52.77
C LEU A 16 33.53 -10.98 51.68
N GLN A 17 34.37 -9.95 51.89
CA GLN A 17 35.31 -9.49 50.87
C GLN A 17 36.41 -10.52 50.58
N PHE A 18 36.69 -11.42 51.50
CA PHE A 18 37.76 -12.38 51.29
C PHE A 18 37.26 -13.81 51.24
N SER A 19 35.94 -14.01 51.19
CA SER A 19 35.35 -15.33 51.17
C SER A 19 35.63 -16.03 49.86
N SER A 20 35.19 -17.29 49.78
CA SER A 20 35.15 -18.01 48.51
C SER A 20 34.02 -17.51 47.61
N LEU A 21 33.34 -16.43 48.03
CA LEU A 21 32.29 -15.84 47.22
C LEU A 21 32.84 -15.26 45.92
N LEU A 22 34.10 -14.82 45.93
CA LEU A 22 34.70 -14.14 44.78
C LEU A 22 35.68 -15.01 44.00
N TRP A 23 35.85 -16.28 44.37
CA TRP A 23 36.73 -17.19 43.67
C TRP A 23 35.91 -18.26 42.97
N PRO A 24 36.43 -18.84 41.88
CA PRO A 24 35.59 -19.65 40.97
C PRO A 24 34.79 -20.70 41.70
N PRO A 25 33.59 -21.02 41.22
CA PRO A 25 32.74 -21.99 41.92
C PRO A 25 33.41 -23.34 42.03
N PRO A 26 33.36 -23.95 43.21
CA PRO A 26 33.92 -25.31 43.35
C PRO A 26 33.31 -26.25 42.34
N ARG A 27 34.16 -27.07 41.71
CA ARG A 27 33.66 -27.88 40.59
C ARG A 27 32.73 -28.98 41.07
N ASP A 28 32.96 -29.50 42.27
CA ASP A 28 32.04 -30.43 42.88
C ASP A 28 30.63 -29.86 42.81
N PRO A 29 29.68 -30.57 42.22
CA PRO A 29 28.28 -30.13 42.34
C PRO A 29 27.79 -30.01 43.78
N GLN A 30 28.15 -30.96 44.65
CA GLN A 30 27.66 -30.92 46.03
C GLN A 30 28.20 -29.71 46.79
N GLN A 31 29.49 -29.41 46.65
CA GLN A 31 30.00 -28.20 47.32
C GLN A 31 29.48 -26.94 46.64
N HIS A 32 29.30 -26.97 45.31
CA HIS A 32 28.65 -25.85 44.64
C HIS A 32 27.31 -25.56 45.30
N LYS A 33 26.49 -26.59 45.47
CA LYS A 33 25.14 -26.39 45.98
C LYS A 33 25.16 -26.00 47.45
N ASP A 34 25.88 -26.76 48.28
CA ASP A 34 25.95 -26.44 49.71
C ASP A 34 26.45 -25.03 49.95
N GLN A 35 27.50 -24.63 49.23
CA GLN A 35 28.09 -23.31 49.43
C GLN A 35 27.12 -22.20 49.02
N VAL A 36 26.52 -22.31 47.83
CA VAL A 36 25.57 -21.29 47.39
C VAL A 36 24.39 -21.21 48.35
N VAL A 37 23.92 -22.36 48.85
CA VAL A 37 22.82 -22.36 49.81
C VAL A 37 23.21 -21.57 51.06
N ALA A 38 24.49 -21.59 51.44
CA ALA A 38 24.91 -20.88 52.65
C ALA A 38 24.93 -19.36 52.46
N TYR A 39 25.45 -18.88 51.32
CA TYR A 39 25.57 -17.43 51.11
C TYR A 39 24.22 -16.78 50.90
N VAL A 40 23.29 -17.46 50.23
CA VAL A 40 21.96 -16.91 50.00
C VAL A 40 21.25 -16.65 51.32
N GLU A 41 21.56 -17.43 52.36
CA GLU A 41 20.98 -17.19 53.68
C GLU A 41 21.75 -16.13 54.45
N TYR A 42 23.06 -16.01 54.21
CA TYR A 42 23.82 -14.94 54.85
C TYR A 42 23.35 -13.59 54.33
N PHE A 43 23.40 -13.41 53.01
CA PHE A 43 22.84 -12.24 52.35
C PHE A 43 21.47 -11.89 52.90
N GLY A 44 20.52 -12.83 52.76
CA GLY A 44 19.12 -12.56 53.08
C GLY A 44 18.85 -12.29 54.55
N GLN A 45 19.85 -12.49 55.41
CA GLN A 45 19.65 -12.25 56.83
C GLN A 45 19.40 -10.78 57.11
N PHE A 46 19.96 -9.90 56.30
CA PHE A 46 19.93 -8.47 56.56
C PHE A 46 18.67 -7.77 56.07
N THR A 47 18.58 -7.47 54.78
CA THR A 47 17.36 -6.88 54.23
C THR A 47 16.95 -5.65 55.06
N SER A 48 17.95 -4.88 55.47
CA SER A 48 17.69 -3.65 56.21
C SER A 48 17.37 -2.53 55.22
N GLU A 49 17.11 -1.33 55.77
CA GLU A 49 17.05 -0.14 54.93
C GLU A 49 18.28 -0.01 54.06
N GLN A 50 19.42 -0.48 54.56
CA GLN A 50 20.71 -0.32 53.88
C GLN A 50 20.93 -1.30 52.74
N PHE A 51 20.14 -2.39 52.68
CA PHE A 51 20.43 -3.49 51.76
C PHE A 51 20.61 -3.08 50.31
N PRO A 52 19.70 -2.30 49.69
CA PRO A 52 19.98 -1.81 48.34
C PRO A 52 21.27 -1.01 48.27
N ASP A 53 21.42 -0.04 49.17
CA ASP A 53 22.66 0.71 49.29
C ASP A 53 23.84 -0.21 49.57
N ASP A 54 23.60 -1.31 50.29
CA ASP A 54 24.67 -2.22 50.64
C ASP A 54 25.16 -3.00 49.43
N ILE A 55 24.26 -3.69 48.73
CA ILE A 55 24.66 -4.44 47.55
C ILE A 55 25.17 -3.52 46.45
N ALA A 56 24.60 -2.31 46.34
CA ALA A 56 25.06 -1.37 45.32
C ALA A 56 26.56 -1.15 45.42
N GLU A 57 27.06 -0.89 46.63
CA GLU A 57 28.50 -0.78 46.82
C GLU A 57 29.20 -2.09 46.47
N LEU A 58 28.54 -3.22 46.76
CA LEU A 58 29.17 -4.51 46.54
C LEU A 58 29.28 -4.83 45.05
N VAL A 59 28.31 -4.40 44.23
CA VAL A 59 28.34 -4.75 42.82
C VAL A 59 29.29 -3.83 42.04
N ARG A 60 29.21 -2.52 42.26
CA ARG A 60 30.09 -1.63 41.51
C ARG A 60 31.55 -1.89 41.84
N HIS A 61 31.83 -2.24 43.10
CA HIS A 61 33.21 -2.46 43.53
C HIS A 61 33.77 -3.75 42.93
N GLN A 62 32.93 -4.79 42.84
CA GLN A 62 33.39 -6.12 42.48
C GLN A 62 33.20 -6.45 41.01
N TYR A 63 32.66 -5.53 40.22
CA TYR A 63 32.39 -5.86 38.83
C TYR A 63 32.88 -4.76 37.91
N PRO A 64 33.29 -5.11 36.68
CA PRO A 64 33.25 -6.46 36.13
C PRO A 64 34.57 -7.25 36.14
N SER A 65 34.44 -8.57 36.28
CA SER A 65 35.56 -9.47 36.12
C SER A 65 35.23 -10.46 35.02
N THR A 66 36.28 -11.05 34.45
CA THR A 66 36.10 -11.97 33.32
C THR A 66 36.04 -13.42 33.74
N GLU A 67 36.48 -13.76 34.95
CA GLU A 67 36.39 -15.13 35.43
C GLU A 67 34.96 -15.45 35.86
N LYS A 68 34.59 -16.71 35.71
CA LYS A 68 33.35 -17.18 36.33
C LYS A 68 33.56 -17.28 37.83
N ARG A 69 32.63 -16.72 38.60
CA ARG A 69 32.80 -16.66 40.04
C ARG A 69 31.53 -17.15 40.72
N LEU A 70 31.70 -17.59 41.97
CA LEU A 70 30.54 -18.00 42.75
C LEU A 70 29.66 -16.82 43.15
N LEU A 71 30.11 -15.58 42.94
CA LEU A 71 29.27 -14.45 43.31
C LEU A 71 28.08 -14.34 42.37
N ASP A 72 28.29 -14.65 41.08
CA ASP A 72 27.21 -14.63 40.12
C ASP A 72 26.07 -15.54 40.58
N ASP A 73 26.40 -16.75 41.04
CA ASP A 73 25.37 -17.71 41.40
C ASP A 73 24.67 -17.33 42.71
N VAL A 74 25.38 -16.76 43.67
CA VAL A 74 24.71 -16.25 44.87
C VAL A 74 23.81 -15.07 44.52
N LEU A 75 24.29 -14.16 43.67
CA LEU A 75 23.45 -13.04 43.27
C LEU A 75 22.21 -13.55 42.54
N ALA A 76 22.41 -14.45 41.58
CA ALA A 76 21.28 -14.95 40.79
C ALA A 76 20.26 -15.67 41.67
N MSE A 77 20.73 -16.51 42.60
CA MSE A 77 19.81 -17.26 43.45
C MSE A 77 19.06 -16.40 44.46
O MSE A 77 17.87 -16.60 44.67
CB MSE A 77 20.56 -18.36 44.19
CG MSE A 77 21.05 -19.48 43.30
SE MSE A 77 19.50 -20.42 42.58
CE MSE A 77 19.25 -21.75 43.99
N PHE A 78 19.75 -15.42 45.06
CA PHE A 78 19.10 -14.56 46.04
C PHE A 78 17.89 -13.86 45.44
N VAL A 79 17.99 -13.47 44.16
CA VAL A 79 16.85 -12.88 43.45
C VAL A 79 15.74 -13.91 43.29
N LEU A 80 16.10 -15.18 43.09
CA LEU A 80 15.09 -16.21 42.91
C LEU A 80 14.38 -16.51 44.22
N HIS A 81 15.15 -16.68 45.31
CA HIS A 81 14.55 -16.98 46.61
C HIS A 81 13.97 -15.75 47.31
N HIS A 82 14.22 -14.55 46.79
CA HIS A 82 13.69 -13.32 47.39
C HIS A 82 13.38 -12.32 46.29
N PRO A 83 12.41 -12.63 45.42
CA PRO A 83 12.03 -11.68 44.35
C PRO A 83 11.63 -10.32 44.88
N GLU A 84 11.08 -10.30 46.09
CA GLU A 84 10.82 -9.06 46.80
C GLU A 84 12.02 -8.13 46.75
N HIS A 85 13.23 -8.68 46.76
CA HIS A 85 14.44 -7.88 46.73
C HIS A 85 15.24 -8.10 45.46
N GLY A 86 14.59 -8.56 44.40
CA GLY A 86 15.25 -8.57 43.10
C GLY A 86 15.68 -7.17 42.69
N HIS A 87 14.88 -6.17 43.08
CA HIS A 87 15.20 -4.78 42.75
C HIS A 87 16.59 -4.39 43.24
N ALA A 88 16.86 -4.60 44.53
CA ALA A 88 18.14 -4.21 45.11
C ALA A 88 19.32 -4.94 44.47
N VAL A 89 19.08 -6.08 43.81
CA VAL A 89 20.17 -6.86 43.24
C VAL A 89 20.40 -6.53 41.76
N ILE A 90 19.34 -6.45 40.97
CA ILE A 90 19.53 -6.25 39.54
C ILE A 90 19.92 -4.83 39.21
N LEU A 91 19.33 -3.86 39.91
CA LEU A 91 19.50 -2.46 39.53
C LEU A 91 20.94 -1.98 39.57
N PRO A 92 21.77 -2.28 40.59
CA PRO A 92 23.19 -1.93 40.49
C PRO A 92 23.84 -2.40 39.20
N ILE A 93 23.48 -3.59 38.73
CA ILE A 93 23.97 -4.08 37.44
C ILE A 93 23.37 -3.27 36.30
N ILE A 94 22.06 -2.96 36.39
CA ILE A 94 21.39 -2.15 35.37
C ILE A 94 22.12 -0.82 35.17
N SER A 95 22.52 -0.18 36.27
CA SER A 95 23.14 1.13 36.19
C SER A 95 24.49 1.07 35.49
N CYS A 96 25.27 0.04 35.77
CA CYS A 96 26.57 -0.10 35.13
C CYS A 96 26.43 -0.46 33.65
N LEU A 97 25.39 -1.22 33.30
CA LEU A 97 25.11 -1.49 31.90
C LEU A 97 24.79 -0.21 31.16
N ILE A 98 24.06 0.71 31.81
CA ILE A 98 23.82 2.04 31.26
C ILE A 98 25.12 2.83 31.17
N ASP A 99 25.96 2.73 32.21
CA ASP A 99 27.17 3.53 32.29
C ASP A 99 28.14 3.19 31.17
N GLY A 100 28.27 1.90 30.86
CA GLY A 100 29.38 1.40 30.07
C GLY A 100 30.44 0.71 30.90
N SER A 101 30.27 0.72 32.23
CA SER A 101 31.12 -0.08 33.10
C SER A 101 31.07 -1.55 32.69
N LEU A 102 29.87 -2.08 32.53
CA LEU A 102 29.65 -3.43 32.01
C LEU A 102 29.21 -3.39 30.55
N VAL A 103 29.92 -4.11 29.71
CA VAL A 103 29.46 -4.49 28.38
C VAL A 103 28.57 -5.70 28.57
N TYR A 104 27.51 -5.81 27.79
CA TYR A 104 26.62 -6.96 27.93
C TYR A 104 27.08 -8.00 26.93
N SER A 105 27.60 -9.12 27.42
CA SER A 105 27.73 -10.35 26.65
C SER A 105 26.85 -11.40 27.30
N LYS A 106 26.22 -12.25 26.49
CA LYS A 106 25.40 -13.31 27.06
C LYS A 106 26.22 -14.19 27.99
N GLU A 107 27.54 -14.20 27.83
CA GLU A 107 28.46 -14.89 28.73
C GLU A 107 29.13 -13.96 29.72
N ALA A 108 28.87 -12.66 29.65
CA ALA A 108 29.32 -11.77 30.71
C ALA A 108 28.68 -12.21 32.02
N HIS A 109 29.46 -12.15 33.09
CA HIS A 109 29.22 -13.10 34.19
C HIS A 109 28.20 -12.71 35.25
N PRO A 110 27.91 -11.44 35.52
CA PRO A 110 26.67 -11.20 36.26
C PRO A 110 25.48 -11.79 35.52
N PHE A 111 25.40 -11.59 34.19
CA PHE A 111 24.27 -12.03 33.39
C PHE A 111 24.27 -13.53 33.08
N ALA A 112 25.42 -14.20 33.14
CA ALA A 112 25.47 -15.62 32.78
C ALA A 112 24.51 -16.44 33.61
N SER A 113 24.31 -16.07 34.88
CA SER A 113 23.49 -16.85 35.79
C SER A 113 22.04 -16.41 35.81
N PHE A 114 21.77 -15.13 35.60
CA PHE A 114 20.38 -14.68 35.58
C PHE A 114 19.67 -15.24 34.37
N ILE A 115 20.41 -15.45 33.27
CA ILE A 115 19.92 -16.19 32.11
C ILE A 115 19.71 -17.65 32.49
N SER A 116 20.49 -18.15 33.45
CA SER A 116 20.49 -19.57 33.78
C SER A 116 19.39 -19.97 34.75
N LEU A 117 19.07 -19.09 35.72
CA LEU A 117 17.99 -19.39 36.65
C LEU A 117 16.67 -19.49 35.91
N VAL A 118 16.46 -18.64 34.90
CA VAL A 118 15.24 -18.69 34.11
C VAL A 118 15.21 -19.92 33.22
N CYS A 119 16.38 -20.50 32.92
CA CYS A 119 16.58 -21.84 32.34
C CYS A 119 17.92 -21.89 31.62
N SER A 127 7.13 -25.11 40.14
CA SER A 127 8.06 -24.07 39.73
C SER A 127 7.37 -22.71 39.72
N GLU A 128 6.34 -22.55 40.54
CA GLU A 128 5.66 -21.26 40.61
C GLU A 128 6.54 -20.21 41.28
N GLN A 129 7.31 -20.61 42.29
CA GLN A 129 8.31 -19.73 42.87
C GLN A 129 9.26 -19.20 41.79
N TRP A 130 9.77 -20.12 40.96
CA TRP A 130 10.65 -19.74 39.86
C TRP A 130 10.00 -18.74 38.92
N ALA A 131 8.73 -18.96 38.59
CA ALA A 131 8.05 -18.09 37.62
C ALA A 131 8.00 -16.65 38.12
N LEU A 132 7.62 -16.45 39.39
CA LEU A 132 7.43 -15.10 39.90
C LEU A 132 8.75 -14.34 39.91
N ALA A 133 9.81 -14.98 40.42
CA ALA A 133 11.14 -14.38 40.37
C ALA A 133 11.52 -14.01 38.94
N CYS A 134 11.43 -14.99 38.04
CA CYS A 134 11.62 -14.72 36.61
C CYS A 134 10.81 -13.52 36.14
N GLY A 135 9.50 -13.54 36.38
CA GLY A 135 8.64 -12.45 35.96
C GLY A 135 9.19 -11.10 36.37
N GLU A 136 9.37 -10.92 37.69
CA GLU A 136 9.81 -9.64 38.22
C GLU A 136 11.14 -9.18 37.62
N ILE A 137 12.03 -10.11 37.25
CA ILE A 137 13.27 -9.72 36.58
C ILE A 137 12.96 -9.01 35.28
N LEU A 138 12.10 -9.61 34.45
CA LEU A 138 11.69 -8.96 33.21
C LEU A 138 10.87 -7.69 33.48
N ARG A 139 10.02 -7.71 34.52
CA ARG A 139 9.22 -6.52 34.79
C ARG A 139 10.11 -5.37 35.23
N ILE A 140 11.21 -5.65 35.94
CA ILE A 140 12.15 -4.59 36.31
C ILE A 140 12.90 -4.08 35.08
N LEU A 141 13.52 -4.99 34.31
CA LEU A 141 14.33 -4.57 33.18
C LEU A 141 13.52 -3.78 32.13
N THR A 142 12.21 -4.04 32.05
CA THR A 142 11.38 -3.29 31.10
C THR A 142 11.38 -1.81 31.42
N HIS A 143 11.14 -1.46 32.69
CA HIS A 143 10.92 -0.06 33.04
C HIS A 143 12.18 0.78 32.84
N TYR A 144 13.36 0.19 33.01
CA TYR A 144 14.59 0.96 32.86
C TYR A 144 15.10 0.97 31.43
N ASN A 145 14.36 0.38 30.50
CA ASN A 145 14.87 0.13 29.16
C ASN A 145 14.58 1.28 28.21
N ARG A 146 14.25 2.47 28.72
CA ARG A 146 13.95 3.58 27.82
C ARG A 146 15.23 4.00 27.09
N PRO A 147 15.11 4.58 25.89
CA PRO A 147 16.30 4.78 25.06
C PRO A 147 17.24 5.86 25.60
N ILE A 148 18.53 5.63 25.42
CA ILE A 148 19.57 6.55 25.86
C ILE A 148 20.66 6.65 24.81
N TYR A 149 21.38 7.77 24.82
CA TYR A 149 22.56 7.96 23.98
C TYR A 149 23.71 8.38 24.89
N LYS A 150 24.79 7.60 24.88
CA LYS A 150 25.91 7.90 25.76
C LYS A 150 27.22 7.37 25.17
N ARG A 186 26.75 5.23 15.09
CA ARG A 186 26.31 4.80 16.42
C ARG A 186 25.00 5.46 16.86
N LYS A 187 23.91 4.73 16.67
CA LYS A 187 22.57 5.20 17.03
C LYS A 187 22.43 5.24 18.55
N PRO A 188 21.38 5.89 19.04
CA PRO A 188 20.97 5.66 20.43
C PRO A 188 20.08 4.42 20.51
N LEU A 189 20.32 3.63 21.56
CA LEU A 189 19.72 2.32 21.66
C LEU A 189 19.05 2.17 23.02
N ARG A 190 18.43 1.00 23.21
CA ARG A 190 17.88 0.60 24.50
C ARG A 190 18.88 -0.32 25.19
N PRO A 191 19.39 0.05 26.38
CA PRO A 191 20.53 -0.71 26.94
C PRO A 191 20.20 -2.14 27.32
N LEU A 192 18.99 -2.40 27.83
CA LEU A 192 18.64 -3.69 28.38
C LEU A 192 17.71 -4.49 27.46
N SER A 193 17.49 -4.03 26.24
CA SER A 193 16.80 -4.85 25.25
C SER A 193 17.42 -6.23 25.03
N PRO A 194 18.73 -6.38 24.85
CA PRO A 194 19.23 -7.73 24.54
C PRO A 194 19.11 -8.69 25.71
N TRP A 195 19.32 -8.20 26.95
CA TRP A 195 19.24 -9.08 28.11
C TRP A 195 17.84 -9.64 28.28
N ILE A 196 16.83 -8.78 28.09
CA ILE A 196 15.45 -9.26 28.06
C ILE A 196 15.29 -10.37 27.04
N SER A 197 15.94 -10.23 25.87
CA SER A 197 15.79 -11.22 24.82
C SER A 197 16.31 -12.59 25.26
N ASP A 198 17.56 -12.64 25.73
CA ASP A 198 18.13 -13.93 26.07
C ASP A 198 17.41 -14.57 27.24
N ILE A 199 16.96 -13.77 28.21
CA ILE A 199 16.10 -14.31 29.27
C ILE A 199 14.81 -14.83 28.66
N LEU A 200 14.18 -14.03 27.80
CA LEU A 200 12.93 -14.43 27.18
C LEU A 200 13.13 -15.59 26.21
N LEU A 201 14.26 -15.60 25.50
CA LEU A 201 14.63 -16.72 24.63
C LEU A 201 14.75 -18.03 25.41
N ALA A 202 15.55 -18.03 26.48
CA ALA A 202 15.77 -19.22 27.29
C ALA A 202 14.69 -19.30 28.37
N ALA A 203 13.50 -19.68 27.94
CA ALA A 203 12.30 -19.55 28.77
C ALA A 203 11.17 -20.33 28.13
N PRO A 204 10.20 -20.83 28.90
CA PRO A 204 9.10 -21.58 28.28
C PRO A 204 8.17 -20.67 27.51
N LEU A 205 7.50 -21.25 26.51
CA LEU A 205 6.62 -20.45 25.65
C LEU A 205 5.54 -19.77 26.47
N GLY A 206 5.21 -20.32 27.63
CA GLY A 206 4.13 -19.77 28.43
C GLY A 206 4.41 -18.38 28.95
N ILE A 207 5.67 -18.08 29.29
CA ILE A 207 5.98 -16.77 29.86
C ILE A 207 6.25 -15.73 28.78
N ARG A 208 6.79 -16.13 27.63
CA ARG A 208 6.95 -15.18 26.52
C ARG A 208 5.61 -14.60 26.14
N SER A 209 4.63 -15.46 25.91
CA SER A 209 3.28 -15.00 25.57
C SER A 209 2.75 -14.07 26.64
N ASP A 210 2.97 -14.38 27.92
CA ASP A 210 2.50 -13.52 29.00
C ASP A 210 3.35 -12.26 29.18
N TYR A 211 4.61 -12.28 28.74
CA TYR A 211 5.41 -11.05 28.79
C TYR A 211 4.84 -9.99 27.86
N PHE A 212 4.52 -10.38 26.62
CA PHE A 212 4.00 -9.43 25.65
C PHE A 212 2.58 -8.98 25.98
N ARG A 213 1.77 -9.87 26.54
CA ARG A 213 0.46 -9.46 27.04
C ARG A 213 0.62 -8.39 28.12
N TRP A 214 1.57 -8.59 29.03
CA TRP A 214 1.80 -7.60 30.07
C TRP A 214 2.41 -6.34 29.50
N CYS A 215 3.37 -6.48 28.59
CA CYS A 215 4.20 -5.34 28.19
C CYS A 215 3.40 -4.35 27.35
N SER A 216 2.73 -4.84 26.31
CA SER A 216 1.98 -3.98 25.42
C SER A 216 0.78 -3.34 26.08
N GLY A 217 0.39 -3.80 27.27
CA GLY A 217 -0.80 -3.28 27.91
C GLY A 217 -2.07 -3.89 27.38
N VAL A 218 -2.06 -5.19 27.09
CA VAL A 218 -3.26 -5.87 26.63
C VAL A 218 -4.30 -5.94 27.74
N MSE A 219 -3.87 -5.94 28.99
CA MSE A 219 -4.81 -6.07 30.10
C MSE A 219 -4.89 -4.78 30.92
O MSE A 219 -4.62 -4.76 32.12
CB MSE A 219 -4.40 -7.24 30.98
CG MSE A 219 -4.58 -8.58 30.29
SE MSE A 219 -3.78 -10.04 31.29
CE MSE A 219 -3.30 -11.23 29.82
N VAL A 252 9.64 5.47 33.10
CA VAL A 252 9.07 4.20 32.68
C VAL A 252 9.04 4.16 31.17
N ALA A 253 9.34 2.99 30.59
CA ALA A 253 9.56 2.86 29.16
C ALA A 253 8.26 2.55 28.41
N ASN A 254 8.20 3.01 27.17
CA ASN A 254 7.07 2.76 26.28
C ASN A 254 6.87 1.26 26.10
N GLY A 255 5.67 0.78 26.43
CA GLY A 255 5.38 -0.63 26.26
C GLY A 255 5.60 -1.08 24.83
N ALA A 256 5.13 -0.29 23.88
CA ALA A 256 5.36 -0.60 22.49
C ALA A 256 6.84 -0.53 22.14
N GLY A 257 7.59 0.34 22.81
CA GLY A 257 8.99 0.52 22.45
C GLY A 257 9.81 -0.74 22.66
N VAL A 258 9.62 -1.39 23.80
CA VAL A 258 10.48 -2.51 24.16
C VAL A 258 10.18 -3.70 23.28
N ILE A 259 8.91 -4.04 23.11
CA ILE A 259 8.55 -5.20 22.29
C ILE A 259 9.21 -5.11 20.92
N LEU A 260 9.17 -3.94 20.30
CA LEU A 260 9.82 -3.77 19.01
C LEU A 260 11.33 -3.93 19.13
N SER A 261 11.90 -3.44 20.22
CA SER A 261 13.36 -3.44 20.35
C SER A 261 13.90 -4.80 20.78
N VAL A 262 13.13 -5.58 21.54
CA VAL A 262 13.57 -6.93 21.87
C VAL A 262 13.29 -7.89 20.72
N CYS A 263 12.21 -7.69 19.95
CA CYS A 263 12.01 -8.50 18.75
C CYS A 263 13.08 -8.25 17.70
N ASP A 264 13.61 -7.02 17.62
CA ASP A 264 14.67 -6.73 16.67
C ASP A 264 16.01 -7.29 17.12
N ASP A 265 16.33 -7.23 18.42
CA ASP A 265 17.60 -7.78 18.90
C ASP A 265 17.71 -9.26 18.59
N GLU A 266 16.63 -10.01 18.73
CA GLU A 266 16.69 -11.41 18.34
C GLU A 266 17.02 -11.53 16.85
N VAL A 267 16.30 -10.77 16.01
CA VAL A 267 16.59 -10.77 14.58
C VAL A 267 17.98 -10.22 14.31
N ALA A 268 18.44 -9.27 15.15
CA ALA A 268 19.70 -8.59 14.87
C ALA A 268 20.89 -9.48 15.21
N ARG A 269 20.92 -10.04 16.41
CA ARG A 269 22.07 -10.83 16.84
C ARG A 269 21.95 -12.29 16.46
N TYR A 270 20.79 -12.89 16.72
CA TYR A 270 20.50 -14.20 16.18
C TYR A 270 19.96 -13.99 14.78
N GLU A 271 19.87 -15.06 13.99
CA GLU A 271 19.40 -14.88 12.62
C GLU A 271 17.96 -15.37 12.44
N THR A 272 17.17 -15.37 13.51
CA THR A 272 15.80 -15.83 13.43
C THR A 272 14.87 -14.84 14.11
N ALA A 273 13.58 -15.15 14.06
CA ALA A 273 12.55 -14.23 14.53
C ALA A 273 11.45 -14.99 15.28
N THR A 274 11.83 -15.58 16.44
CA THR A 274 10.86 -16.38 17.19
C THR A 274 10.09 -15.53 18.21
N LEU A 275 10.71 -14.48 18.79
CA LEU A 275 9.98 -13.60 19.69
C LEU A 275 8.92 -12.78 18.95
N THR A 276 9.22 -12.30 17.74
CA THR A 276 8.16 -11.63 17.00
C THR A 276 7.11 -12.63 16.55
N ALA A 277 7.43 -13.93 16.50
CA ALA A 277 6.44 -14.93 16.13
C ALA A 277 5.42 -15.16 17.25
N VAL A 278 5.84 -15.01 18.51
CA VAL A 278 4.89 -15.17 19.61
C VAL A 278 4.20 -13.85 19.93
N ALA A 279 4.80 -12.72 19.53
CA ALA A 279 4.27 -11.41 19.92
C ALA A 279 3.05 -11.02 19.09
N VAL A 280 3.06 -11.33 17.80
CA VAL A 280 1.95 -10.99 16.90
C VAL A 280 0.66 -11.74 17.24
N PRO A 281 0.67 -13.06 17.44
CA PRO A 281 -0.53 -13.66 18.05
C PRO A 281 -0.86 -13.08 19.41
N ALA A 282 0.14 -12.62 20.15
CA ALA A 282 -0.11 -12.14 21.51
C ALA A 282 -0.91 -10.86 21.51
N LEU A 283 -0.73 -10.00 20.49
CA LEU A 283 -1.42 -8.72 20.48
C LEU A 283 -2.79 -8.83 19.83
N LEU A 284 -2.88 -9.51 18.70
CA LEU A 284 -4.14 -9.54 17.95
C LEU A 284 -5.16 -10.44 18.61
N LEU A 285 -4.75 -11.62 19.07
CA LEU A 285 -5.72 -12.61 19.54
C LEU A 285 -5.90 -12.55 21.05
N PRO A 286 -7.09 -12.89 21.55
CA PRO A 286 -7.35 -12.81 22.99
C PRO A 286 -6.54 -13.85 23.74
N PRO A 287 -6.50 -13.75 25.07
CA PRO A 287 -5.92 -14.83 25.85
C PRO A 287 -6.70 -16.11 25.62
N PRO A 288 -6.07 -17.27 25.82
CA PRO A 288 -6.81 -18.53 25.67
C PRO A 288 -7.90 -18.65 26.72
N THR A 289 -9.01 -19.28 26.32
CA THR A 289 -10.18 -19.38 27.20
C THR A 289 -9.84 -20.11 28.48
N THR A 290 -8.99 -21.14 28.39
CA THR A 290 -8.59 -21.91 29.55
C THR A 290 -8.08 -21.01 30.67
N SER A 291 -7.40 -19.92 30.32
CA SER A 291 -7.02 -18.89 31.28
C SER A 291 -8.21 -17.93 31.37
N LEU A 292 -9.10 -18.19 32.33
CA LEU A 292 -10.42 -17.56 32.25
C LEU A 292 -10.41 -16.09 32.64
N ASP A 293 -10.00 -15.78 33.87
CA ASP A 293 -10.14 -14.42 34.37
C ASP A 293 -9.44 -13.42 33.45
N GLU A 294 -8.21 -13.75 33.03
CA GLU A 294 -7.50 -12.90 32.07
C GLU A 294 -8.30 -12.76 30.79
N HIS A 295 -8.84 -13.87 30.29
CA HIS A 295 -9.56 -13.85 29.02
C HIS A 295 -10.74 -12.89 29.07
N LEU A 296 -11.49 -12.89 30.17
CA LEU A 296 -12.74 -12.14 30.21
C LEU A 296 -12.48 -10.64 30.13
N VAL A 297 -11.37 -10.18 30.72
CA VAL A 297 -11.04 -8.75 30.78
C VAL A 297 -9.69 -8.57 30.06
N ALA A 298 -9.76 -8.27 28.76
CA ALA A 298 -8.60 -7.92 27.96
C ALA A 298 -9.07 -7.14 26.74
N GLY A 299 -8.22 -6.23 26.28
CA GLY A 299 -8.57 -5.36 25.17
C GLY A 299 -7.48 -5.35 24.11
N LEU A 300 -7.92 -5.31 22.86
CA LEU A 300 -7.00 -5.15 21.77
C LEU A 300 -6.20 -3.86 21.96
N PRO A 301 -4.86 -3.91 21.91
CA PRO A 301 -4.08 -2.69 22.13
C PRO A 301 -4.22 -1.69 20.99
N ALA A 302 -3.49 -0.58 21.06
CA ALA A 302 -3.39 0.33 19.93
C ALA A 302 -2.34 -0.24 18.99
N LEU A 303 -2.75 -0.62 17.78
CA LEU A 303 -1.86 -1.31 16.86
C LEU A 303 -0.92 -0.38 16.12
N GLU A 304 -1.00 0.93 16.35
CA GLU A 304 -0.19 1.84 15.56
C GLU A 304 1.32 1.61 15.70
N PRO A 305 1.89 1.28 16.88
CA PRO A 305 3.35 1.26 16.96
C PRO A 305 3.92 -0.02 16.37
N TYR A 306 3.23 -1.14 16.64
CA TYR A 306 3.59 -2.44 16.09
C TYR A 306 3.11 -2.57 14.64
N ALA A 307 3.54 -1.62 13.81
CA ALA A 307 3.29 -1.74 12.38
C ALA A 307 4.42 -2.47 11.67
N ARG A 308 5.65 -2.36 12.17
CA ARG A 308 6.74 -3.16 11.64
C ARG A 308 6.59 -4.63 12.01
N LEU A 309 6.27 -4.89 13.28
CA LEU A 309 6.12 -6.26 13.76
C LEU A 309 5.23 -7.05 12.83
N PHE A 310 4.06 -6.50 12.52
CA PHE A 310 3.11 -7.20 11.68
C PHE A 310 3.68 -7.40 10.28
N HIS A 311 4.39 -6.39 9.76
CA HIS A 311 5.04 -6.55 8.47
C HIS A 311 6.07 -7.68 8.52
N ARG A 312 6.94 -7.67 9.53
CA ARG A 312 7.94 -8.72 9.66
C ARG A 312 7.30 -10.09 9.84
N TYR A 313 6.30 -10.19 10.70
CA TYR A 313 5.62 -11.47 10.87
C TYR A 313 4.95 -11.89 9.56
N TYR A 314 4.24 -10.98 8.92
CA TYR A 314 3.56 -11.32 7.68
C TYR A 314 4.53 -11.55 6.54
N ALA A 315 5.75 -10.97 6.64
CA ALA A 315 6.75 -11.19 5.61
C ALA A 315 7.23 -12.63 5.61
N ILE A 316 7.22 -13.26 6.77
CA ILE A 316 7.72 -14.63 6.91
C ILE A 316 6.62 -15.66 7.13
N ALA A 317 5.46 -15.26 7.69
CA ALA A 317 4.47 -16.25 8.11
C ALA A 317 3.98 -17.08 6.94
N THR A 318 4.01 -18.40 7.12
CA THR A 318 3.43 -19.30 6.14
C THR A 318 1.98 -18.89 5.88
N PRO A 319 1.52 -18.94 4.63
CA PRO A 319 0.19 -18.42 4.32
C PRO A 319 -0.94 -19.05 5.13
N SER A 320 -0.80 -20.34 5.48
CA SER A 320 -1.80 -20.99 6.32
C SER A 320 -1.87 -20.35 7.70
N ALA A 321 -0.75 -19.86 8.22
CA ALA A 321 -0.72 -19.27 9.56
C ALA A 321 -1.49 -17.96 9.61
N THR A 322 -1.34 -17.12 8.59
CA THR A 322 -2.02 -15.83 8.60
C THR A 322 -3.53 -15.98 8.51
N GLN A 323 -4.01 -16.99 7.78
CA GLN A 323 -5.45 -17.22 7.74
C GLN A 323 -5.94 -17.79 9.06
N ARG A 324 -5.10 -18.55 9.76
CA ARG A 324 -5.39 -18.86 11.16
C ARG A 324 -5.40 -17.60 11.99
N LEU A 325 -4.41 -16.73 11.76
CA LEU A 325 -4.30 -15.49 12.51
C LEU A 325 -5.52 -14.61 12.28
N LEU A 326 -5.88 -14.39 11.01
CA LEU A 326 -6.94 -13.44 10.69
C LEU A 326 -8.28 -13.92 11.24
N LEU A 327 -8.63 -15.19 10.99
CA LEU A 327 -9.92 -15.72 11.46
C LEU A 327 -10.06 -15.56 12.97
N GLY A 328 -9.04 -15.96 13.72
CA GLY A 328 -9.05 -15.78 15.16
C GLY A 328 -9.43 -14.36 15.56
N LEU A 329 -8.84 -13.38 14.88
CA LEU A 329 -9.20 -11.99 15.15
C LEU A 329 -10.61 -11.70 14.65
N LEU A 330 -11.00 -12.33 13.55
CA LEU A 330 -12.33 -12.07 12.97
C LEU A 330 -13.45 -12.59 13.88
N GLU A 331 -13.30 -13.82 14.40
CA GLU A 331 -14.34 -14.43 15.22
C GLU A 331 -14.05 -14.33 16.71
N ALA A 332 -13.38 -13.25 17.14
CA ALA A 332 -13.15 -12.97 18.55
C ALA A 332 -14.40 -12.35 19.18
N PRO A 333 -14.50 -12.37 20.51
CA PRO A 333 -15.66 -11.77 21.17
C PRO A 333 -15.58 -10.25 21.18
N PRO A 334 -16.72 -9.56 21.30
CA PRO A 334 -16.73 -8.11 21.13
C PRO A 334 -16.08 -7.34 22.26
N SER A 335 -15.94 -7.92 23.47
CA SER A 335 -15.21 -7.22 24.52
C SER A 335 -13.75 -7.05 24.12
N TRP A 336 -13.25 -7.93 23.27
CA TRP A 336 -11.87 -7.85 22.77
C TRP A 336 -11.68 -6.64 21.87
N ALA A 337 -12.54 -6.50 20.86
CA ALA A 337 -12.40 -5.46 19.86
C ALA A 337 -13.64 -4.58 19.82
N PRO A 338 -13.49 -3.24 19.86
CA PRO A 338 -14.64 -2.36 19.66
C PRO A 338 -15.37 -2.70 18.38
N ASP A 339 -14.61 -2.71 17.28
CA ASP A 339 -15.06 -3.26 16.00
C ASP A 339 -13.87 -4.04 15.44
N ALA A 340 -13.94 -5.37 15.52
CA ALA A 340 -12.85 -6.19 15.02
C ALA A 340 -12.54 -5.88 13.57
N LEU A 341 -13.58 -5.56 12.79
CA LEU A 341 -13.40 -5.22 11.39
C LEU A 341 -12.54 -3.98 11.23
N ASP A 342 -12.82 -2.94 12.02
CA ASP A 342 -11.97 -1.75 12.02
C ASP A 342 -10.51 -2.12 12.27
N ALA A 343 -10.27 -3.11 13.13
CA ALA A 343 -8.91 -3.51 13.46
C ALA A 343 -8.30 -4.41 12.41
N ALA A 344 -9.10 -5.32 11.84
CA ALA A 344 -8.61 -6.10 10.71
C ALA A 344 -8.21 -5.20 9.56
N VAL A 345 -9.06 -4.20 9.24
CA VAL A 345 -8.70 -3.20 8.24
C VAL A 345 -7.49 -2.39 8.68
N GLN A 346 -7.44 -1.99 9.96
CA GLN A 346 -6.31 -1.21 10.45
C GLN A 346 -5.00 -1.96 10.24
N LEU A 347 -4.97 -3.25 10.54
CA LEU A 347 -3.77 -4.03 10.31
C LEU A 347 -3.29 -3.83 8.88
N VAL A 348 -4.19 -4.01 7.91
CA VAL A 348 -3.84 -3.84 6.49
C VAL A 348 -3.18 -2.50 6.23
N GLU A 349 -3.75 -1.41 6.78
CA GLU A 349 -3.16 -0.09 6.64
C GLU A 349 -1.68 -0.10 7.01
N LEU A 350 -1.35 -0.80 8.10
CA LEU A 350 -0.01 -0.69 8.66
C LEU A 350 1.02 -1.48 7.87
N LEU A 351 0.67 -2.68 7.40
CA LEU A 351 1.62 -3.41 6.57
C LEU A 351 1.85 -2.68 5.26
N ARG A 352 0.77 -2.13 4.69
CA ARG A 352 0.91 -1.31 3.48
C ARG A 352 1.80 -0.09 3.74
N ALA A 353 1.59 0.58 4.88
CA ALA A 353 2.40 1.74 5.23
C ALA A 353 3.84 1.34 5.53
N ALA A 354 4.02 0.28 6.32
CA ALA A 354 5.37 -0.19 6.63
C ALA A 354 6.06 -0.79 5.41
N GLU A 355 5.32 -1.12 4.36
CA GLU A 355 5.93 -1.64 3.15
C GLU A 355 6.86 -0.63 2.50
N ASP A 356 6.57 0.67 2.66
CA ASP A 356 7.36 1.69 1.98
C ASP A 356 8.73 1.87 2.63
N TYR A 357 8.87 1.63 3.94
CA TYR A 357 10.13 1.91 4.62
C TYR A 357 10.80 0.70 5.26
N ALA A 358 10.12 -0.45 5.38
CA ALA A 358 10.74 -1.59 6.03
C ALA A 358 11.96 -2.07 5.26
N SER A 359 12.97 -2.50 6.00
CA SER A 359 14.25 -2.90 5.43
C SER A 359 14.59 -4.31 5.87
N GLY A 360 15.07 -5.12 4.94
CA GLY A 360 15.52 -6.46 5.24
C GLY A 360 14.49 -7.55 5.04
N VAL A 361 13.21 -7.24 5.20
CA VAL A 361 12.13 -8.18 4.96
C VAL A 361 11.14 -7.53 4.00
N ARG A 362 10.99 -8.14 2.82
CA ARG A 362 10.08 -7.62 1.80
C ARG A 362 8.86 -8.53 1.72
N LEU A 363 7.68 -7.92 1.74
CA LEU A 363 6.45 -8.66 1.61
C LEU A 363 6.40 -9.32 0.24
N PRO A 364 5.71 -10.45 0.09
CA PRO A 364 5.56 -11.07 -1.23
C PRO A 364 4.83 -10.16 -2.20
N ARG A 365 4.96 -10.47 -3.50
CA ARG A 365 4.35 -9.63 -4.52
C ARG A 365 2.84 -9.81 -4.57
N ASN A 366 2.30 -10.88 -4.00
CA ASN A 366 0.86 -11.08 -3.89
C ASN A 366 0.39 -10.97 -2.44
N TRP A 367 1.11 -10.20 -1.63
CA TRP A 367 0.91 -10.21 -0.18
C TRP A 367 -0.51 -9.81 0.21
N MSE A 368 -1.12 -8.88 -0.53
CA MSE A 368 -2.49 -8.51 -0.24
C MSE A 368 -3.43 -9.66 -0.55
O MSE A 368 -4.33 -9.95 0.23
CB MSE A 368 -2.89 -7.27 -1.04
CG MSE A 368 -4.38 -6.96 -0.93
SE MSE A 368 -4.88 -6.18 0.80
CE MSE A 368 -6.77 -6.67 0.84
N HIS A 369 -3.21 -10.33 -1.69
CA HIS A 369 -4.05 -11.47 -2.02
C HIS A 369 -3.69 -12.70 -1.19
N LEU A 370 -2.38 -12.93 -1.01
CA LEU A 370 -1.94 -14.19 -0.42
C LEU A 370 -2.35 -14.32 1.03
N HIS A 371 -1.99 -13.32 1.85
CA HIS A 371 -2.25 -13.37 3.28
C HIS A 371 -3.65 -12.89 3.64
N PHE A 372 -4.39 -12.34 2.69
CA PHE A 372 -5.72 -11.83 2.99
C PHE A 372 -6.76 -12.39 2.03
N LEU A 373 -6.66 -12.05 0.73
CA LEU A 373 -7.73 -12.38 -0.21
C LEU A 373 -7.94 -13.89 -0.36
N ARG A 374 -6.84 -14.66 -0.42
CA ARG A 374 -6.97 -16.12 -0.35
C ARG A 374 -7.83 -16.54 0.83
N ALA A 375 -7.46 -16.05 2.01
CA ALA A 375 -8.17 -16.45 3.23
C ALA A 375 -9.59 -15.93 3.25
N ILE A 376 -9.79 -14.65 2.91
CA ILE A 376 -11.07 -14.00 3.19
C ILE A 376 -12.19 -14.68 2.41
N GLY A 377 -11.89 -15.11 1.19
CA GLY A 377 -12.85 -15.87 0.42
C GLY A 377 -13.21 -17.18 1.08
N ILE A 378 -12.19 -18.00 1.41
CA ILE A 378 -12.44 -19.35 1.91
C ILE A 378 -13.40 -19.33 3.09
N ALA A 379 -13.25 -18.34 3.97
CA ALA A 379 -14.19 -18.16 5.07
C ALA A 379 -15.64 -18.18 4.57
N MSE A 380 -15.90 -17.47 3.49
CA MSE A 380 -17.22 -17.46 2.84
C MSE A 380 -17.57 -18.85 2.29
O MSE A 380 -18.72 -19.28 2.34
CB MSE A 380 -17.26 -16.43 1.71
CG MSE A 380 -17.36 -14.98 2.17
SE MSE A 380 -16.80 -13.79 0.73
CE MSE A 380 -17.96 -12.27 1.10
N SER A 381 -16.55 -19.53 1.75
CA SER A 381 -16.77 -20.86 1.20
C SER A 381 -17.09 -21.87 2.29
N MSE A 382 -16.38 -21.81 3.40
CA MSE A 382 -16.64 -22.73 4.52
C MSE A 382 -17.69 -22.15 5.46
O MSE A 382 -18.23 -22.86 6.31
CB MSE A 382 -15.34 -23.00 5.29
CG MSE A 382 -15.13 -22.08 6.48
SE MSE A 382 -13.38 -22.28 7.31
CE MSE A 382 -13.58 -20.97 8.75
N GLY A 385 -20.37 -21.33 8.86
CA GLY A 385 -21.32 -20.74 9.79
C GLY A 385 -21.22 -19.24 9.92
N VAL A 386 -21.11 -18.75 11.17
CA VAL A 386 -21.02 -17.30 11.40
C VAL A 386 -19.63 -16.75 11.11
N ALA A 387 -18.61 -17.59 11.02
CA ALA A 387 -17.29 -17.12 10.60
C ALA A 387 -17.35 -16.60 9.16
N ALA A 388 -18.07 -17.29 8.28
CA ALA A 388 -18.27 -16.80 6.92
C ALA A 388 -18.95 -15.44 6.91
N ASP A 389 -19.85 -15.21 7.87
CA ASP A 389 -20.63 -13.97 7.89
C ASP A 389 -19.76 -12.77 8.18
N ALA A 390 -18.69 -12.95 8.95
CA ALA A 390 -17.86 -11.82 9.35
C ALA A 390 -16.82 -11.47 8.29
N ALA A 391 -16.30 -12.48 7.57
CA ALA A 391 -15.43 -12.19 6.44
C ALA A 391 -16.18 -11.41 5.36
N ALA A 392 -17.48 -11.66 5.20
CA ALA A 392 -18.29 -10.87 4.27
C ALA A 392 -18.33 -9.40 4.66
N ALA A 393 -18.28 -9.10 5.96
CA ALA A 393 -18.23 -7.70 6.37
C ALA A 393 -16.87 -7.08 6.05
N LEU A 394 -15.81 -7.88 5.95
CA LEU A 394 -14.51 -7.32 5.60
C LEU A 394 -14.47 -6.87 4.13
N LEU A 395 -14.98 -7.68 3.20
CA LEU A 395 -14.91 -7.29 1.79
C LEU A 395 -15.72 -6.04 1.53
N PHE A 396 -16.89 -5.94 2.17
CA PHE A 396 -17.65 -4.70 2.11
C PHE A 396 -16.81 -3.57 2.69
N ARG A 397 -16.04 -3.87 3.74
CA ARG A 397 -15.10 -2.90 4.28
C ARG A 397 -13.95 -2.65 3.32
N ILE A 398 -13.39 -3.73 2.77
CA ILE A 398 -12.28 -3.62 1.83
C ILE A 398 -12.69 -2.84 0.59
N LEU A 399 -13.90 -3.10 0.08
CA LEU A 399 -14.35 -2.45 -1.15
C LEU A 399 -15.15 -1.17 -0.92
N SER A 400 -15.46 -0.81 0.32
CA SER A 400 -15.98 0.53 0.61
C SER A 400 -14.87 1.53 0.91
N GLN A 401 -13.63 1.07 1.00
CA GLN A 401 -12.45 1.93 1.11
C GLN A 401 -11.49 1.43 0.04
N PRO A 402 -11.55 2.02 -1.15
CA PRO A 402 -10.72 1.52 -2.27
C PRO A 402 -9.33 2.15 -2.32
N ALA A 403 -8.52 1.82 -1.31
CA ALA A 403 -7.10 2.11 -1.32
C ALA A 403 -6.25 0.87 -1.52
N LEU A 404 -6.87 -0.33 -1.47
CA LEU A 404 -6.15 -1.56 -1.77
C LEU A 404 -5.60 -1.51 -3.18
N LEU A 405 -6.34 -0.85 -4.08
CA LEU A 405 -5.93 -0.74 -5.47
C LEU A 405 -4.81 0.26 -5.62
N PHE A 406 -4.76 1.26 -4.76
CA PHE A 406 -3.68 2.24 -4.71
C PHE A 406 -2.34 1.58 -4.39
N GLU A 439 3.66 -0.55 -10.37
CA GLU A 439 3.64 -1.50 -11.48
C GLU A 439 3.09 -2.89 -11.13
N ALA A 440 3.96 -3.80 -10.69
CA ALA A 440 3.63 -5.22 -10.56
C ALA A 440 2.73 -5.52 -9.37
N THR A 441 2.79 -4.70 -8.32
CA THR A 441 1.84 -4.89 -7.21
C THR A 441 0.41 -4.75 -7.70
N ILE A 442 0.17 -3.81 -8.61
CA ILE A 442 -1.19 -3.56 -9.10
C ILE A 442 -1.68 -4.75 -9.92
N GLU A 443 -0.87 -5.22 -10.88
CA GLU A 443 -1.21 -6.44 -11.60
C GLU A 443 -1.55 -7.56 -10.62
N ALA A 444 -0.63 -7.87 -9.71
CA ALA A 444 -0.85 -8.97 -8.77
C ALA A 444 -2.05 -8.71 -7.88
N THR A 445 -2.16 -7.49 -7.33
CA THR A 445 -3.34 -7.15 -6.54
C THR A 445 -4.61 -7.34 -7.37
N ALA A 446 -4.59 -6.87 -8.62
CA ALA A 446 -5.76 -7.02 -9.49
C ALA A 446 -5.95 -8.48 -9.88
N GLN A 447 -4.90 -9.12 -10.41
CA GLN A 447 -4.93 -10.55 -10.70
C GLN A 447 -5.43 -11.36 -9.51
N GLY A 448 -5.03 -10.97 -8.31
CA GLY A 448 -5.49 -11.67 -7.12
C GLY A 448 -6.99 -11.56 -6.92
N ILE A 449 -7.54 -10.34 -7.05
CA ILE A 449 -8.98 -10.13 -6.91
C ILE A 449 -9.73 -11.02 -7.88
N ALA A 450 -9.23 -11.12 -9.12
CA ALA A 450 -9.87 -11.97 -10.11
C ALA A 450 -9.85 -13.43 -9.67
N SER A 451 -8.70 -13.88 -9.14
CA SER A 451 -8.55 -15.30 -8.85
C SER A 451 -9.40 -15.75 -7.67
N MSE A 452 -9.53 -14.90 -6.64
CA MSE A 452 -10.34 -15.29 -5.47
C MSE A 452 -11.80 -15.41 -5.88
O MSE A 452 -12.55 -16.16 -5.28
CB MSE A 452 -10.23 -14.28 -4.33
CG MSE A 452 -10.96 -12.98 -4.61
SE MSE A 452 -11.88 -12.27 -3.05
CE MSE A 452 -12.65 -10.68 -3.87
N LEU A 453 -12.19 -14.65 -6.91
CA LEU A 453 -13.54 -14.74 -7.47
C LEU A 453 -13.76 -16.11 -8.07
N CYS A 454 -12.99 -16.46 -9.10
CA CYS A 454 -13.17 -17.70 -9.84
C CYS A 454 -13.19 -18.91 -8.92
N ALA A 455 -12.13 -19.11 -8.13
CA ALA A 455 -11.84 -20.39 -7.50
C ALA A 455 -12.90 -20.84 -6.48
N HIS A 456 -13.65 -19.92 -5.90
CA HIS A 456 -14.36 -20.25 -4.66
C HIS A 456 -15.72 -20.89 -4.94
N GLY A 457 -16.33 -20.63 -6.09
CA GLY A 457 -17.57 -21.25 -6.47
C GLY A 457 -18.63 -20.27 -6.93
N PRO A 458 -19.59 -20.75 -7.73
CA PRO A 458 -20.69 -19.85 -8.17
C PRO A 458 -21.45 -19.20 -7.04
N GLU A 459 -21.73 -19.93 -5.96
CA GLU A 459 -22.50 -19.37 -4.86
C GLU A 459 -21.81 -18.15 -4.25
N VAL A 460 -20.50 -18.25 -4.02
CA VAL A 460 -19.79 -17.15 -3.38
C VAL A 460 -19.63 -15.97 -4.34
N GLU A 461 -19.40 -16.24 -5.63
CA GLU A 461 -19.28 -15.16 -6.60
C GLU A 461 -20.50 -14.27 -6.58
N TRP A 462 -21.71 -14.85 -6.60
CA TRP A 462 -22.91 -14.03 -6.55
C TRP A 462 -22.89 -13.13 -5.32
N ARG A 463 -22.45 -13.66 -4.17
CA ARG A 463 -22.34 -12.80 -3.00
C ARG A 463 -21.25 -11.76 -3.17
N ILE A 464 -20.02 -12.18 -3.50
CA ILE A 464 -18.92 -11.23 -3.70
C ILE A 464 -19.37 -10.08 -4.58
N CYS A 465 -19.97 -10.39 -5.72
CA CYS A 465 -20.43 -9.34 -6.62
C CYS A 465 -21.50 -8.46 -5.98
N THR A 466 -22.43 -9.04 -5.19
CA THR A 466 -23.42 -8.15 -4.60
C THR A 466 -22.84 -7.35 -3.43
N ILE A 467 -21.83 -7.89 -2.74
CA ILE A 467 -21.11 -7.04 -1.78
C ILE A 467 -20.44 -5.88 -2.49
N TRP A 468 -19.85 -6.13 -3.66
CA TRP A 468 -19.17 -5.08 -4.41
C TRP A 468 -20.13 -3.95 -4.75
N GLU A 469 -21.32 -4.30 -5.22
CA GLU A 469 -22.30 -3.29 -5.59
C GLU A 469 -22.69 -2.45 -4.39
N ALA A 470 -23.01 -3.11 -3.27
CA ALA A 470 -23.30 -2.38 -2.04
C ALA A 470 -22.13 -1.52 -1.60
N ALA A 471 -20.91 -1.88 -2.02
CA ALA A 471 -19.74 -1.10 -1.64
C ALA A 471 -19.70 0.23 -2.39
N TYR A 472 -20.01 0.22 -3.69
CA TYR A 472 -19.80 1.39 -4.55
C TYR A 472 -21.06 2.24 -4.71
N GLY A 473 -21.82 2.45 -3.64
CA GLY A 473 -22.91 3.40 -3.65
C GLY A 473 -24.11 3.05 -4.50
N LEU A 474 -24.26 1.79 -4.89
CA LEU A 474 -25.40 1.36 -5.69
C LEU A 474 -26.59 0.96 -4.81
N PRO A 495 -20.69 5.51 1.19
CA PRO A 495 -20.02 4.88 0.06
C PRO A 495 -19.07 5.85 -0.64
N PRO A 496 -18.19 5.36 -1.49
CA PRO A 496 -17.34 6.26 -2.28
C PRO A 496 -18.08 6.85 -3.47
N ILE A 497 -17.64 8.06 -3.85
CA ILE A 497 -18.06 8.64 -5.12
C ILE A 497 -17.57 7.74 -6.24
N LEU A 498 -18.02 7.98 -7.46
CA LEU A 498 -17.56 7.16 -8.57
C LEU A 498 -16.93 8.05 -9.62
N SER A 499 -15.75 7.65 -10.08
CA SER A 499 -14.97 8.42 -11.04
C SER A 499 -14.32 7.45 -12.03
N TRP A 500 -13.94 7.98 -13.19
CA TRP A 500 -13.18 7.18 -14.15
C TRP A 500 -11.89 6.68 -13.53
N ASN A 501 -11.24 7.54 -12.73
CA ASN A 501 -10.01 7.15 -12.06
C ASN A 501 -10.21 5.97 -11.12
N LEU A 502 -11.43 5.82 -10.58
CA LEU A 502 -11.75 4.63 -9.79
C LEU A 502 -11.76 3.37 -10.66
N TYR A 503 -12.15 3.51 -11.92
CA TYR A 503 -12.33 2.33 -12.77
C TYR A 503 -11.04 1.89 -13.47
N ILE A 504 -10.03 2.75 -13.58
CA ILE A 504 -8.76 2.36 -14.20
C ILE A 504 -8.20 1.10 -13.55
N PRO A 505 -8.19 0.97 -12.21
CA PRO A 505 -7.71 -0.30 -11.63
C PRO A 505 -8.58 -1.50 -11.96
N LEU A 506 -9.91 -1.35 -11.93
CA LEU A 506 -10.78 -2.50 -12.18
C LEU A 506 -10.61 -3.06 -13.59
N LEU A 507 -10.17 -2.23 -14.56
CA LEU A 507 -9.80 -2.73 -15.88
C LEU A 507 -8.79 -3.87 -15.78
N LYS A 508 -7.74 -3.69 -14.98
CA LYS A 508 -6.72 -4.73 -14.89
C LYS A 508 -7.28 -5.98 -14.23
N VAL A 509 -8.26 -5.83 -13.34
CA VAL A 509 -9.01 -6.98 -12.82
C VAL A 509 -9.84 -7.61 -13.94
N LEU A 510 -10.53 -6.77 -14.71
CA LEU A 510 -11.49 -7.26 -15.70
C LEU A 510 -10.82 -8.01 -16.84
N GLU A 511 -9.60 -7.61 -17.22
CA GLU A 511 -8.85 -8.33 -18.24
C GLU A 511 -8.69 -9.80 -17.88
N TYR A 512 -8.48 -10.09 -16.60
CA TYR A 512 -8.25 -11.47 -16.16
C TYR A 512 -9.54 -12.27 -15.99
N LEU A 513 -10.69 -11.60 -15.94
CA LEU A 513 -11.95 -12.31 -15.76
C LEU A 513 -12.26 -13.16 -17.00
N PRO A 514 -13.06 -14.21 -16.84
CA PRO A 514 -13.38 -15.04 -18.00
C PRO A 514 -14.52 -14.47 -18.82
N ARG A 515 -15.05 -15.27 -19.74
CA ARG A 515 -15.96 -14.81 -20.78
C ARG A 515 -17.40 -15.11 -20.36
N GLY A 516 -18.19 -14.06 -20.13
CA GLY A 516 -19.59 -14.21 -19.81
C GLY A 516 -19.92 -14.50 -18.36
N SER A 517 -18.93 -14.59 -17.48
CA SER A 517 -19.18 -14.83 -16.07
C SER A 517 -20.04 -13.71 -15.50
N PRO A 518 -20.72 -13.96 -14.38
CA PRO A 518 -21.41 -12.87 -13.68
C PRO A 518 -20.47 -11.82 -13.13
N SER A 519 -19.20 -12.17 -12.87
CA SER A 519 -18.21 -11.19 -12.44
C SER A 519 -18.01 -10.12 -13.52
N GLU A 520 -17.78 -10.55 -14.76
CA GLU A 520 -17.69 -9.61 -15.88
C GLU A 520 -18.93 -8.73 -15.93
N ALA A 521 -20.11 -9.34 -15.79
CA ALA A 521 -21.34 -8.56 -15.76
C ALA A 521 -21.32 -7.54 -14.62
N CYS A 522 -20.78 -7.92 -13.46
CA CYS A 522 -20.79 -7.01 -12.31
C CYS A 522 -19.88 -5.81 -12.55
N LEU A 523 -18.67 -6.04 -13.06
CA LEU A 523 -17.77 -4.91 -13.35
C LEU A 523 -18.33 -4.02 -14.44
N MSE A 524 -18.99 -4.60 -15.44
CA MSE A 524 -19.63 -3.80 -16.48
C MSE A 524 -20.84 -3.06 -15.92
O MSE A 524 -21.17 -1.97 -16.38
CB MSE A 524 -20.06 -4.68 -17.67
CG MSE A 524 -18.91 -5.41 -18.31
SE MSE A 524 -17.82 -4.24 -19.43
CE MSE A 524 -16.75 -5.60 -20.33
N LYS A 525 -21.49 -3.64 -14.91
CA LYS A 525 -22.61 -2.96 -14.27
C LYS A 525 -22.12 -1.78 -13.43
N ILE A 526 -21.00 -1.95 -12.74
CA ILE A 526 -20.40 -0.83 -12.02
C ILE A 526 -19.87 0.20 -13.01
N PHE A 527 -19.43 -0.26 -14.18
CA PHE A 527 -19.03 0.64 -15.26
C PHE A 527 -20.15 1.59 -15.63
N VAL A 528 -21.31 1.05 -16.00
CA VAL A 528 -22.45 1.88 -16.35
C VAL A 528 -22.75 2.86 -15.21
N ALA A 529 -22.66 2.38 -13.98
CA ALA A 529 -22.86 3.26 -12.82
C ALA A 529 -21.89 4.43 -12.83
N THR A 530 -20.62 4.17 -13.12
CA THR A 530 -19.64 5.25 -13.20
C THR A 530 -20.01 6.23 -14.30
N VAL A 531 -20.34 5.74 -15.49
CA VAL A 531 -20.63 6.61 -16.61
C VAL A 531 -21.87 7.46 -16.33
N GLU A 532 -22.93 6.81 -15.86
CA GLU A 532 -24.12 7.54 -15.41
C GLU A 532 -23.75 8.68 -14.47
N THR A 533 -22.82 8.43 -13.55
CA THR A 533 -22.50 9.41 -12.52
C THR A 533 -21.73 10.60 -13.10
N ILE A 534 -20.73 10.34 -13.96
CA ILE A 534 -19.93 11.43 -14.52
C ILE A 534 -20.81 12.37 -15.34
N LEU A 535 -21.71 11.80 -16.15
CA LEU A 535 -22.67 12.62 -16.89
C LEU A 535 -23.39 13.60 -15.97
N SER A 536 -23.86 13.10 -14.83
CA SER A 536 -24.52 13.93 -13.83
C SER A 536 -23.59 15.03 -13.30
N ALA A 565 -18.52 19.34 -15.39
CA ALA A 565 -17.84 20.63 -15.50
C ALA A 565 -16.37 20.43 -15.87
N MSE A 566 -15.65 19.67 -15.04
CA MSE A 566 -14.25 19.38 -15.31
C MSE A 566 -14.14 18.54 -16.59
O MSE A 566 -13.10 18.50 -17.25
CB MSE A 566 -13.61 18.66 -14.12
CG MSE A 566 -12.21 18.11 -14.36
SE MSE A 566 -10.99 19.43 -15.13
CE MSE A 566 -9.52 18.26 -15.63
N SER A 567 -15.25 17.89 -16.94
CA SER A 567 -15.35 17.07 -18.14
C SER A 567 -14.32 15.93 -18.12
N GLU A 568 -14.42 15.13 -17.05
CA GLU A 568 -13.72 13.86 -17.00
C GLU A 568 -14.08 12.99 -18.19
N LEU A 569 -15.30 13.16 -18.71
CA LEU A 569 -15.76 12.33 -19.82
C LEU A 569 -14.86 12.48 -21.04
N ARG A 570 -14.47 13.71 -21.35
CA ARG A 570 -13.66 13.95 -22.55
C ARG A 570 -12.33 13.22 -22.47
N ALA A 571 -11.75 13.12 -21.26
CA ALA A 571 -10.50 12.39 -21.11
C ALA A 571 -10.71 10.89 -21.05
N MSE A 572 -11.79 10.42 -20.44
CA MSE A 572 -12.13 9.00 -20.43
C MSE A 572 -12.13 8.37 -21.82
O MSE A 572 -11.44 7.38 -22.05
CB MSE A 572 -13.51 8.77 -19.81
CG MSE A 572 -13.84 7.29 -19.57
SE MSE A 572 -15.69 7.02 -19.03
CE MSE A 572 -15.52 5.35 -18.03
N VAL A 573 -12.90 8.97 -22.74
CA VAL A 573 -13.00 8.44 -24.09
C VAL A 573 -11.63 8.45 -24.76
N HIS A 574 -10.83 9.50 -24.50
CA HIS A 574 -9.45 9.50 -24.97
C HIS A 574 -8.70 8.29 -24.45
N ALA A 575 -8.97 7.87 -23.21
CA ALA A 575 -8.20 6.79 -22.61
C ALA A 575 -8.56 5.44 -23.21
N LEU A 576 -9.86 5.14 -23.30
CA LEU A 576 -10.29 3.88 -23.89
C LEU A 576 -9.88 3.82 -25.36
N PHE A 577 -10.02 4.94 -26.08
CA PHE A 577 -9.68 4.99 -27.50
C PHE A 577 -8.18 4.79 -27.74
N LEU A 578 -7.34 5.34 -26.88
CA LEU A 578 -5.93 5.47 -27.24
C LEU A 578 -4.93 5.23 -26.10
N GLU A 579 -5.32 5.29 -24.82
CA GLU A 579 -4.33 5.25 -23.76
C GLU A 579 -3.70 3.86 -23.61
N SER A 580 -4.39 2.81 -24.04
CA SER A 580 -3.92 1.44 -23.82
C SER A 580 -3.80 1.16 -22.32
N CYS A 581 -4.94 1.21 -21.64
CA CYS A 581 -5.00 1.03 -20.19
C CYS A 581 -5.53 -0.34 -19.70
N ALA A 582 -5.78 -1.35 -20.55
CA ALA A 582 -5.66 -1.45 -22.01
C ALA A 582 -6.82 -2.23 -22.60
N GLY A 583 -6.55 -2.88 -23.72
CA GLY A 583 -7.51 -3.79 -24.32
C GLY A 583 -8.35 -3.18 -25.42
N VAL A 584 -7.96 -3.41 -26.68
CA VAL A 584 -8.81 -3.05 -27.80
C VAL A 584 -10.09 -3.85 -27.76
N GLU A 585 -10.04 -5.10 -27.28
CA GLU A 585 -11.24 -5.91 -27.12
C GLU A 585 -12.19 -5.25 -26.14
N LEU A 586 -11.71 -4.97 -24.93
CA LEU A 586 -12.50 -4.25 -23.95
C LEU A 586 -12.95 -2.89 -24.49
N ALA A 587 -12.00 -2.07 -24.93
CA ALA A 587 -12.32 -0.67 -25.25
C ALA A 587 -13.42 -0.56 -26.29
N SER A 588 -13.41 -1.43 -27.31
CA SER A 588 -14.54 -1.48 -28.22
C SER A 588 -15.83 -1.75 -27.45
N ARG A 589 -15.81 -2.78 -26.61
CA ARG A 589 -16.98 -3.10 -25.79
C ARG A 589 -17.29 -1.96 -24.82
N LEU A 590 -16.25 -1.45 -24.14
CA LEU A 590 -16.42 -0.36 -23.17
C LEU A 590 -16.96 0.92 -23.85
N LEU A 591 -16.30 1.41 -24.90
CA LEU A 591 -16.79 2.59 -25.60
C LEU A 591 -18.22 2.43 -26.09
N PHE A 592 -18.59 1.23 -26.53
CA PHE A 592 -19.98 0.98 -26.93
C PHE A 592 -20.93 1.36 -25.79
N VAL A 593 -20.61 0.93 -24.57
CA VAL A 593 -21.41 1.33 -23.41
C VAL A 593 -21.33 2.84 -23.21
N VAL A 594 -20.13 3.41 -23.32
CA VAL A 594 -19.93 4.84 -23.11
C VAL A 594 -20.86 5.65 -24.00
N LEU A 595 -20.83 5.38 -25.31
CA LEU A 595 -21.70 6.11 -26.25
C LEU A 595 -23.16 5.92 -25.87
N THR A 596 -23.56 4.67 -25.58
CA THR A 596 -24.97 4.37 -25.34
C THR A 596 -25.53 5.15 -24.16
N VAL A 597 -24.69 5.43 -23.16
CA VAL A 597 -25.16 6.19 -22.01
C VAL A 597 -25.35 7.66 -22.35
N CYS A 598 -24.48 8.21 -23.21
CA CYS A 598 -24.56 9.65 -23.50
C CYS A 598 -25.86 9.98 -24.24
N VAL A 599 -26.29 9.10 -25.15
CA VAL A 599 -27.52 9.38 -25.91
C VAL A 599 -28.73 9.41 -24.99
N SER A 600 -28.68 8.69 -23.87
CA SER A 600 -29.84 8.63 -22.98
C SER A 600 -30.16 10.02 -22.43
N HIS A 601 -29.13 10.77 -22.04
CA HIS A 601 -29.33 12.11 -21.51
C HIS A 601 -29.84 13.05 -22.60
N GLY A 645 -24.62 18.43 -26.71
CA GLY A 645 -24.64 17.79 -25.40
C GLY A 645 -23.55 16.76 -25.21
N PRO A 646 -23.74 15.85 -24.25
CA PRO A 646 -22.72 14.81 -24.02
C PRO A 646 -22.45 13.94 -25.23
N VAL A 647 -23.47 13.67 -26.04
CA VAL A 647 -23.28 12.87 -27.26
C VAL A 647 -22.38 13.61 -28.23
N ALA A 648 -22.44 14.95 -28.25
CA ALA A 648 -21.54 15.72 -29.10
C ALA A 648 -20.09 15.48 -28.69
N ALA A 649 -19.83 15.45 -27.38
CA ALA A 649 -18.49 15.17 -26.86
C ALA A 649 -17.88 13.93 -27.51
N PHE A 650 -18.58 12.79 -27.42
CA PHE A 650 -18.11 11.58 -28.10
C PHE A 650 -18.05 11.80 -29.60
N ASP A 651 -19.13 12.35 -30.19
CA ASP A 651 -19.11 12.70 -31.61
C ASP A 651 -17.92 13.58 -31.95
N SER A 652 -17.59 14.54 -31.09
CA SER A 652 -16.55 15.51 -31.39
C SER A 652 -15.15 14.92 -31.25
N TYR A 653 -14.91 14.12 -30.20
CA TYR A 653 -13.55 13.62 -29.97
C TYR A 653 -13.09 12.75 -31.13
N VAL A 654 -13.96 11.89 -31.65
CA VAL A 654 -13.53 10.96 -32.69
C VAL A 654 -12.88 11.70 -33.85
N LEU A 655 -13.56 12.72 -34.36
CA LEU A 655 -12.99 13.47 -35.47
C LEU A 655 -11.64 14.07 -35.08
N ALA A 656 -11.56 14.65 -33.88
CA ALA A 656 -10.32 15.30 -33.44
C ALA A 656 -9.16 14.31 -33.40
N ALA A 657 -9.37 13.14 -32.78
CA ALA A 657 -8.32 12.13 -32.70
C ALA A 657 -7.98 11.59 -34.09
N VAL A 658 -9.00 11.09 -34.81
CA VAL A 658 -8.76 10.53 -36.14
C VAL A 658 -8.04 11.53 -37.04
N CYS A 659 -8.53 12.77 -37.10
CA CYS A 659 -7.97 13.72 -38.07
C CYS A 659 -6.57 14.19 -37.67
N ALA A 660 -6.34 14.41 -36.36
CA ALA A 660 -5.01 14.82 -35.92
C ALA A 660 -3.99 13.71 -36.16
N LEU A 661 -4.33 12.48 -35.82
CA LEU A 661 -3.45 11.35 -36.11
C LEU A 661 -3.35 11.08 -37.62
N ALA A 662 -4.44 11.28 -38.36
CA ALA A 662 -4.35 11.08 -39.81
C ALA A 662 -3.41 12.10 -40.44
N CYS A 663 -3.40 13.33 -39.93
CA CYS A 663 -2.50 14.36 -40.44
C CYS A 663 -1.06 14.04 -40.07
N GLU A 664 -0.81 13.62 -38.83
CA GLU A 664 0.55 13.35 -38.39
C GLU A 664 1.21 12.27 -39.24
N VAL A 665 0.49 11.18 -39.49
CA VAL A 665 1.06 10.08 -40.26
C VAL A 665 1.40 10.54 -41.66
N GLN A 666 0.51 11.29 -42.30
CA GLN A 666 0.71 11.61 -43.70
C GLN A 666 1.86 12.60 -43.85
N LEU A 667 1.95 13.59 -42.96
CA LEU A 667 3.03 14.58 -43.01
C LEU A 667 4.40 13.90 -42.85
N ASP A 704 6.91 6.81 -34.36
CA ASP A 704 6.60 5.40 -34.20
C ASP A 704 5.31 5.22 -33.40
N SER A 705 5.19 5.99 -32.31
CA SER A 705 4.01 5.89 -31.47
C SER A 705 2.77 6.38 -32.22
N ALA A 706 2.93 7.41 -33.05
CA ALA A 706 1.80 8.02 -33.72
C ALA A 706 1.10 7.03 -34.66
N ILE A 707 1.88 6.29 -35.45
CA ILE A 707 1.28 5.30 -36.35
C ILE A 707 0.62 4.18 -35.55
N SER A 708 1.14 3.89 -34.36
CA SER A 708 0.59 2.79 -33.56
C SER A 708 -0.82 3.11 -33.06
N HIS A 709 -1.06 4.39 -32.74
CA HIS A 709 -2.36 4.77 -32.21
C HIS A 709 -3.44 4.83 -33.28
N THR A 710 -3.10 5.27 -34.49
CA THR A 710 -4.07 5.24 -35.59
C THR A 710 -4.64 3.85 -35.78
N ARG A 711 -3.76 2.85 -35.92
CA ARG A 711 -4.18 1.45 -36.03
C ARG A 711 -5.20 1.10 -34.96
N ARG A 712 -4.89 1.46 -33.71
CA ARG A 712 -5.80 1.13 -32.61
C ARG A 712 -7.14 1.84 -32.76
N ILE A 713 -7.15 3.12 -33.14
CA ILE A 713 -8.41 3.83 -33.28
C ILE A 713 -9.23 3.26 -34.43
N LEU A 714 -8.60 2.90 -35.54
CA LEU A 714 -9.35 2.28 -36.62
C LEU A 714 -9.97 0.97 -36.18
N ALA A 715 -9.21 0.13 -35.46
CA ALA A 715 -9.73 -1.14 -35.00
C ALA A 715 -10.87 -0.95 -34.00
N ILE A 716 -10.72 -0.01 -33.07
CA ILE A 716 -11.80 0.26 -32.11
C ILE A 716 -13.07 0.67 -32.85
N LEU A 717 -12.93 1.58 -33.82
CA LEU A 717 -14.08 1.99 -34.62
C LEU A 717 -14.52 0.88 -35.56
N GLU A 718 -13.56 0.17 -36.17
CA GLU A 718 -13.89 -0.97 -37.03
C GLU A 718 -14.69 -2.01 -36.24
N ALA A 719 -14.37 -2.18 -34.97
CA ALA A 719 -15.08 -3.16 -34.16
C ALA A 719 -16.40 -2.61 -33.61
N LEU A 720 -16.49 -1.30 -33.36
CA LEU A 720 -17.74 -0.70 -32.90
C LEU A 720 -18.88 -0.99 -33.86
N PHE A 721 -18.57 -1.06 -35.15
CA PHE A 721 -19.54 -1.50 -36.15
C PHE A 721 -19.97 -2.94 -35.89
N SER A 722 -19.00 -3.80 -35.55
CA SER A 722 -19.28 -5.23 -35.42
C SER A 722 -20.03 -5.55 -34.14
N LEU A 723 -19.66 -4.91 -33.02
CA LEU A 723 -20.27 -5.21 -31.74
C LEU A 723 -21.15 -4.06 -31.25
N ALA A 741 -28.40 -3.07 -29.84
CA ALA A 741 -28.11 -1.80 -30.50
C ALA A 741 -26.72 -1.81 -31.14
N ALA A 742 -26.20 -3.02 -31.41
CA ALA A 742 -24.89 -3.14 -32.05
C ALA A 742 -24.92 -2.64 -33.48
N ALA A 743 -25.93 -3.08 -34.25
CA ALA A 743 -26.18 -2.49 -35.56
C ALA A 743 -26.59 -1.02 -35.45
N MSE A 744 -27.00 -0.56 -34.26
CA MSE A 744 -27.55 0.79 -34.05
C MSE A 744 -26.46 1.86 -33.87
O MSE A 744 -26.54 2.93 -34.50
CB MSE A 744 -28.49 0.78 -32.84
CG MSE A 744 -29.10 2.11 -32.42
SE MSE A 744 -29.55 3.25 -33.92
CE MSE A 744 -31.28 2.48 -34.39
N VAL A 745 -25.48 1.60 -33.00
CA VAL A 745 -24.33 2.49 -32.90
C VAL A 745 -23.66 2.62 -34.26
N ALA A 746 -23.64 1.52 -35.01
CA ALA A 746 -23.06 1.49 -36.35
C ALA A 746 -23.70 2.56 -37.23
N ALA A 747 -25.03 2.70 -37.14
CA ALA A 747 -25.71 3.74 -37.90
C ALA A 747 -25.21 5.13 -37.54
N HIS A 748 -24.89 5.34 -36.26
CA HIS A 748 -24.49 6.67 -35.82
C HIS A 748 -23.10 7.04 -36.31
N ILE A 749 -22.16 6.11 -36.27
CA ILE A 749 -20.79 6.40 -36.71
C ILE A 749 -20.78 6.78 -38.18
N SER A 750 -21.49 6.01 -39.01
CA SER A 750 -21.53 6.29 -40.43
C SER A 750 -22.18 7.64 -40.71
N GLU A 751 -23.23 7.98 -39.95
CA GLU A 751 -23.81 9.31 -40.06
C GLU A 751 -22.85 10.38 -39.55
N LEU A 752 -22.03 10.05 -38.55
CA LEU A 752 -21.01 10.98 -38.08
C LEU A 752 -19.94 11.25 -39.13
N PHE A 753 -19.53 10.24 -39.89
CA PHE A 753 -18.36 10.41 -40.73
C PHE A 753 -18.64 11.30 -41.94
N ARG A 754 -19.82 11.18 -42.55
CA ARG A 754 -20.04 11.80 -43.85
C ARG A 754 -20.90 13.06 -43.79
N ARG A 755 -21.14 13.59 -42.59
CA ARG A 755 -21.68 14.94 -42.44
C ARG A 755 -20.61 15.92 -41.99
N SER A 756 -19.36 15.47 -41.91
CA SER A 756 -18.20 16.30 -41.58
C SER A 756 -17.14 16.07 -42.65
N LYS A 757 -16.74 17.14 -43.33
CA LYS A 757 -15.78 17.01 -44.42
C LYS A 757 -14.38 16.68 -43.92
N ALA A 758 -14.08 16.94 -42.66
CA ALA A 758 -12.73 16.69 -42.13
C ALA A 758 -12.47 15.20 -41.97
N LEU A 759 -13.36 14.49 -41.28
CA LEU A 759 -13.25 13.03 -41.18
C LEU A 759 -13.20 12.39 -42.56
N THR A 760 -14.06 12.86 -43.47
CA THR A 760 -14.11 12.38 -44.84
C THR A 760 -12.73 12.34 -45.48
N HIS A 761 -11.99 13.45 -45.41
CA HIS A 761 -10.68 13.50 -46.04
C HIS A 761 -9.69 12.59 -45.34
N ALA A 762 -9.68 12.61 -44.01
CA ALA A 762 -8.66 11.90 -43.24
C ALA A 762 -8.69 10.41 -43.53
N LEU A 763 -9.89 9.82 -43.55
CA LEU A 763 -10.02 8.41 -43.89
C LEU A 763 -9.42 8.11 -45.24
N SER A 764 -9.70 8.94 -46.24
CA SER A 764 -9.28 8.69 -47.62
C SER A 764 -7.76 8.60 -47.74
N GLY A 765 -7.04 9.55 -47.14
CA GLY A 765 -5.59 9.48 -47.16
C GLY A 765 -5.06 8.25 -46.45
N LEU A 766 -5.71 7.85 -45.35
CA LEU A 766 -5.32 6.64 -44.64
C LEU A 766 -5.50 5.40 -45.50
N MSE A 767 -6.48 5.42 -46.41
CA MSE A 767 -6.83 4.29 -47.25
C MSE A 767 -5.64 3.98 -48.11
O MSE A 767 -5.26 2.83 -48.33
CB MSE A 767 -7.97 4.63 -48.18
CG MSE A 767 -9.24 5.15 -47.52
SE MSE A 767 -10.91 4.93 -48.50
CE MSE A 767 -12.00 5.83 -47.17
N ARG A 768 -5.07 5.06 -48.65
CA ARG A 768 -4.03 5.01 -49.68
C ARG A 768 -2.63 5.04 -49.09
N CYS A 769 -2.49 5.00 -47.77
CA CYS A 769 -1.17 5.02 -47.14
C CYS A 769 -0.53 3.64 -47.23
N LYS A 770 0.62 3.55 -47.90
CA LYS A 770 1.37 2.30 -47.90
C LYS A 770 2.59 2.38 -46.98
N TRP A 771 2.92 3.57 -46.45
CA TRP A 771 3.97 3.71 -45.45
C TRP A 771 3.80 2.68 -44.35
N ASP A 772 2.56 2.31 -44.09
CA ASP A 772 2.20 1.34 -43.07
C ASP A 772 1.22 0.34 -43.67
N LYS A 773 1.62 -0.93 -43.70
CA LYS A 773 0.81 -1.94 -44.38
C LYS A 773 -0.54 -2.13 -43.71
N GLU A 774 -0.54 -2.30 -42.38
CA GLU A 774 -1.77 -2.68 -41.71
C GLU A 774 -2.72 -1.51 -41.53
N ILE A 775 -2.23 -0.27 -41.56
CA ILE A 775 -3.13 0.85 -41.32
C ILE A 775 -4.11 1.02 -42.48
N HIS A 776 -3.70 0.68 -43.71
CA HIS A 776 -4.55 0.91 -44.86
C HIS A 776 -5.39 -0.29 -45.24
N LYS A 777 -4.92 -1.50 -44.94
CA LYS A 777 -5.83 -2.65 -44.91
C LYS A 777 -6.99 -2.34 -43.97
N ARG A 778 -6.66 -1.83 -42.77
CA ARG A 778 -7.67 -1.51 -41.77
C ARG A 778 -8.54 -0.35 -42.23
N ALA A 779 -7.92 0.74 -42.68
CA ALA A 779 -8.68 1.93 -43.07
C ALA A 779 -9.68 1.61 -44.17
N SER A 780 -9.27 0.78 -45.13
CA SER A 780 -10.19 0.37 -46.19
C SER A 780 -11.42 -0.31 -45.63
N SER A 781 -11.21 -1.27 -44.73
CA SER A 781 -12.33 -2.03 -44.20
C SER A 781 -13.31 -1.15 -43.42
N LEU A 782 -12.78 -0.27 -42.55
CA LEU A 782 -13.65 0.63 -41.81
C LEU A 782 -14.53 1.41 -42.78
N TYR A 783 -13.91 1.96 -43.82
CA TYR A 783 -14.62 2.75 -44.82
C TYR A 783 -15.80 1.98 -45.41
N ASN A 784 -15.53 0.79 -45.96
CA ASN A 784 -16.58 -0.04 -46.52
C ASN A 784 -17.67 -0.33 -45.49
N LEU A 785 -17.27 -0.51 -44.22
CA LEU A 785 -18.25 -0.63 -43.15
C LEU A 785 -19.06 0.66 -42.96
N ILE A 786 -18.42 1.82 -43.11
CA ILE A 786 -19.16 3.09 -43.07
C ILE A 786 -20.19 3.11 -44.19
N ASP A 787 -19.78 2.75 -45.40
CA ASP A 787 -20.66 2.84 -46.55
C ASP A 787 -21.95 2.05 -46.34
N VAL A 788 -21.81 0.79 -45.90
CA VAL A 788 -22.99 -0.07 -45.77
C VAL A 788 -23.90 0.43 -44.66
N HIS A 789 -23.33 0.80 -43.50
CA HIS A 789 -24.14 1.27 -42.40
C HIS A 789 -24.54 2.73 -42.54
N SER A 790 -23.93 3.47 -43.47
CA SER A 790 -24.38 4.83 -43.75
C SER A 790 -25.86 4.84 -44.12
N LYS A 791 -26.25 3.94 -45.03
CA LYS A 791 -27.63 3.80 -45.51
C LYS A 791 -27.73 2.67 -46.53
N PRO B 18 9.88 17.38 -35.53
CA PRO B 18 8.78 16.62 -34.93
C PRO B 18 7.65 17.51 -34.39
N CYS B 19 6.52 17.50 -35.08
CA CYS B 19 5.40 18.34 -34.70
C CYS B 19 4.59 17.69 -33.58
N GLY B 20 4.20 18.51 -32.62
CA GLY B 20 3.24 18.11 -31.59
C GLY B 20 1.87 18.67 -31.94
N PHE B 21 0.84 17.87 -31.70
CA PHE B 21 -0.51 18.25 -32.09
C PHE B 21 -1.42 18.39 -30.87
N VAL B 22 -2.49 19.16 -31.07
CA VAL B 22 -3.43 19.46 -30.00
C VAL B 22 -4.72 19.94 -30.65
N VAL B 23 -5.85 19.59 -30.03
CA VAL B 23 -7.15 19.95 -30.57
C VAL B 23 -7.99 20.60 -29.47
N SER B 24 -8.85 21.54 -29.86
CA SER B 24 -9.74 22.21 -28.93
C SER B 24 -11.17 22.19 -29.46
N ASP B 25 -12.14 22.07 -28.55
CA ASP B 25 -13.55 22.16 -28.92
C ASP B 25 -13.98 23.61 -28.78
N ALA B 26 -14.04 24.32 -29.92
CA ALA B 26 -14.43 25.72 -29.91
C ALA B 26 -15.90 25.94 -29.56
N LEU B 27 -16.69 24.87 -29.44
CA LEU B 27 -18.09 24.99 -29.07
C LEU B 27 -18.29 25.16 -27.57
N GLU B 28 -17.26 24.90 -26.76
CA GLU B 28 -17.28 25.00 -25.31
C GLU B 28 -16.67 26.34 -24.89
N PRO B 29 -16.56 26.67 -23.60
CA PRO B 29 -15.87 27.92 -23.25
C PRO B 29 -14.37 27.77 -23.10
N ASP B 30 -13.66 28.75 -23.65
CA ASP B 30 -12.20 28.80 -23.65
C ASP B 30 -11.56 27.65 -24.42
N ASN B 31 -12.33 26.94 -25.25
CA ASN B 31 -11.78 25.93 -26.15
C ASN B 31 -10.95 24.89 -25.39
N PRO B 32 -11.57 24.04 -24.57
CA PRO B 32 -10.79 23.05 -23.82
C PRO B 32 -10.18 22.01 -24.74
N ILE B 33 -9.00 21.51 -24.33
CA ILE B 33 -8.27 20.53 -25.12
C ILE B 33 -8.98 19.18 -25.09
N ILE B 34 -8.86 18.43 -26.18
CA ILE B 34 -9.49 17.11 -26.28
C ILE B 34 -8.44 16.07 -26.63
N TYR B 35 -7.46 16.45 -27.46
CA TYR B 35 -6.47 15.51 -27.94
C TYR B 35 -5.07 16.07 -27.74
N VAL B 36 -4.13 15.18 -27.42
CA VAL B 36 -2.73 15.52 -27.24
C VAL B 36 -1.89 14.50 -27.98
N ASN B 37 -0.96 14.97 -28.79
CA ASN B 37 -0.10 14.05 -29.51
C ASN B 37 0.92 13.43 -28.58
N THR B 38 1.39 12.24 -28.95
CA THR B 38 2.34 11.51 -28.12
C THR B 38 3.59 12.34 -27.84
N VAL B 39 4.12 13.01 -28.86
CA VAL B 39 5.33 13.79 -28.66
C VAL B 39 5.08 14.96 -27.70
N PHE B 40 3.90 15.58 -27.80
CA PHE B 40 3.54 16.63 -26.84
C PHE B 40 3.61 16.08 -25.43
N GLU B 41 3.11 14.86 -25.22
CA GLU B 41 3.15 14.25 -23.90
C GLU B 41 4.58 14.06 -23.41
N ILE B 42 5.52 13.83 -24.33
CA ILE B 42 6.90 13.53 -23.94
C ILE B 42 7.83 14.74 -24.01
N VAL B 43 7.38 15.86 -24.58
CA VAL B 43 8.18 17.08 -24.62
C VAL B 43 7.56 18.19 -23.81
N THR B 44 6.53 17.89 -23.02
CA THR B 44 5.97 18.86 -22.10
C THR B 44 5.75 18.28 -20.71
N GLY B 45 5.87 16.97 -20.55
CA GLY B 45 5.77 16.38 -19.22
C GLY B 45 4.31 16.25 -18.84
N TYR B 46 3.47 17.04 -19.50
CA TYR B 46 2.03 17.03 -19.26
C TYR B 46 1.42 15.90 -20.07
N ARG B 47 1.18 14.77 -19.43
CA ARG B 47 0.45 13.71 -20.09
C ARG B 47 -0.98 14.18 -20.33
N ALA B 48 -1.68 13.47 -21.23
CA ALA B 48 -2.99 13.94 -21.68
C ALA B 48 -3.92 14.23 -20.51
N GLU B 49 -3.87 13.39 -19.47
CA GLU B 49 -4.88 13.42 -18.43
C GLU B 49 -4.94 14.76 -17.71
N GLU B 50 -3.78 15.40 -17.49
CA GLU B 50 -3.78 16.65 -16.75
C GLU B 50 -4.34 17.81 -17.56
N VAL B 51 -4.17 17.78 -18.88
CA VAL B 51 -4.46 18.95 -19.71
C VAL B 51 -5.82 18.91 -20.42
N ILE B 52 -6.45 17.74 -20.52
CA ILE B 52 -7.75 17.66 -21.18
C ILE B 52 -8.80 18.34 -20.33
N GLY B 53 -9.74 19.01 -20.99
CA GLY B 53 -10.69 19.87 -20.30
C GLY B 53 -10.13 21.23 -19.95
N ARG B 54 -8.81 21.36 -19.82
CA ARG B 54 -8.13 22.63 -19.64
C ARG B 54 -7.87 23.25 -21.00
N ASN B 55 -7.96 24.58 -21.10
CA ASN B 55 -7.46 25.21 -22.30
C ASN B 55 -5.94 25.27 -22.22
N CYS B 56 -5.30 25.46 -23.38
CA CYS B 56 -3.85 25.57 -23.42
C CYS B 56 -3.35 26.96 -23.02
N ARG B 57 -4.21 27.80 -22.44
CA ARG B 57 -3.80 29.09 -21.89
C ARG B 57 -2.66 28.97 -20.89
N PHE B 58 -2.41 27.74 -20.42
CA PHE B 58 -1.57 27.46 -19.27
C PHE B 58 -0.10 27.25 -19.60
N LEU B 59 0.22 26.85 -20.84
CA LEU B 59 1.59 26.46 -21.16
C LEU B 59 2.60 27.58 -20.89
N GLN B 60 2.14 28.83 -20.91
CA GLN B 60 3.01 29.97 -20.62
C GLN B 60 2.96 30.41 -19.18
N CYS B 61 1.95 29.98 -18.42
CA CYS B 61 1.77 30.43 -17.03
C CYS B 61 2.95 30.02 -16.15
N ARG B 69 -0.46 34.41 -15.66
CA ARG B 69 0.56 33.98 -16.60
C ARG B 69 1.95 34.17 -16.02
N HIS B 70 2.93 34.36 -16.90
CA HIS B 70 4.29 34.72 -16.58
C HIS B 70 4.59 36.07 -17.24
N PRO B 71 5.31 36.98 -16.57
CA PRO B 71 5.46 38.33 -17.14
C PRO B 71 6.29 38.39 -18.42
N MET B 72 7.29 37.54 -18.58
CA MET B 72 8.23 37.71 -19.69
C MET B 72 7.71 37.19 -21.02
N VAL B 73 6.77 36.24 -21.03
CA VAL B 73 6.16 35.82 -22.29
C VAL B 73 5.47 37.02 -22.91
N ASP B 74 5.73 37.25 -24.19
CA ASP B 74 5.33 38.49 -24.83
C ASP B 74 3.82 38.71 -24.69
N SER B 75 3.44 39.83 -24.11
CA SER B 75 2.03 40.08 -23.83
C SER B 75 1.23 40.31 -25.11
N THR B 76 1.83 40.98 -26.10
CA THR B 76 1.13 41.28 -27.33
C THR B 76 0.84 40.00 -28.13
N ILE B 77 1.88 39.18 -28.36
CA ILE B 77 1.72 37.98 -29.17
C ILE B 77 0.62 37.08 -28.62
N VAL B 78 0.41 37.11 -27.32
CA VAL B 78 -0.65 36.30 -26.72
C VAL B 78 -2.01 36.89 -27.03
N ALA B 79 -2.11 38.22 -26.98
CA ALA B 79 -3.37 38.88 -27.33
C ALA B 79 -3.66 38.78 -28.81
N LYS B 80 -2.63 38.75 -29.67
CA LYS B 80 -2.86 38.61 -31.10
C LYS B 80 -3.51 37.29 -31.45
N MET B 81 -3.22 36.24 -30.67
CA MET B 81 -3.92 34.97 -30.82
C MET B 81 -5.42 35.13 -30.56
N ARG B 82 -5.78 35.57 -29.35
CA ARG B 82 -7.18 35.61 -28.95
C ARG B 82 -8.02 36.45 -29.91
N GLN B 83 -7.45 37.55 -30.41
CA GLN B 83 -8.13 38.33 -31.45
C GLN B 83 -8.28 37.50 -32.71
N CYS B 84 -7.17 36.92 -33.17
CA CYS B 84 -7.21 36.07 -34.35
C CYS B 84 -8.13 34.87 -34.16
N LEU B 85 -8.30 34.43 -32.90
CA LEU B 85 -9.12 33.24 -32.65
C LEU B 85 -10.60 33.54 -32.83
N GLU B 86 -11.03 34.76 -32.54
CA GLU B 86 -12.46 35.09 -32.58
C GLU B 86 -13.01 34.98 -33.99
N ASN B 87 -12.46 35.77 -34.93
CA ASN B 87 -12.93 35.73 -36.31
C ASN B 87 -12.66 34.38 -36.97
N GLY B 88 -11.78 33.57 -36.40
CA GLY B 88 -11.47 32.27 -36.97
C GLY B 88 -10.51 32.35 -38.13
N ILE B 89 -9.27 32.74 -37.84
CA ILE B 89 -8.22 32.86 -38.82
C ILE B 89 -7.02 32.05 -38.38
N GLU B 90 -6.27 31.55 -39.34
CA GLU B 90 -5.02 30.86 -39.01
C GLU B 90 -4.05 31.84 -38.37
N PHE B 91 -3.39 31.40 -37.31
CA PHE B 91 -2.34 32.19 -36.68
C PHE B 91 -1.07 31.37 -36.67
N GLN B 92 0.01 31.95 -37.18
CA GLN B 92 1.34 31.38 -37.03
C GLN B 92 2.19 32.39 -36.26
N GLY B 93 2.74 31.95 -35.14
CA GLY B 93 3.58 32.80 -34.32
C GLY B 93 4.48 31.93 -33.47
N GLU B 94 5.29 32.58 -32.64
CA GLU B 94 6.27 31.87 -31.83
C GLU B 94 6.36 32.49 -30.45
N LEU B 95 6.01 31.72 -29.42
CA LEU B 95 6.22 32.06 -28.03
C LEU B 95 7.23 31.09 -27.43
N LEU B 96 7.73 31.45 -26.25
CA LEU B 96 8.44 30.50 -25.42
C LEU B 96 7.49 29.94 -24.36
N ASN B 97 7.43 28.61 -24.28
CA ASN B 97 6.61 27.89 -23.32
C ASN B 97 7.52 26.93 -22.58
N PHE B 98 7.13 26.56 -21.35
CA PHE B 98 7.99 25.70 -20.55
C PHE B 98 7.21 24.54 -19.96
N ARG B 99 7.86 23.37 -19.91
CA ARG B 99 7.36 22.22 -19.17
C ARG B 99 7.15 22.62 -17.72
N LYS B 100 6.43 21.79 -16.97
CA LYS B 100 6.29 22.12 -15.55
C LYS B 100 7.62 21.97 -14.82
N ASP B 101 8.60 21.30 -15.45
CA ASP B 101 9.97 21.31 -14.94
C ASP B 101 10.50 22.72 -14.75
N GLY B 102 9.87 23.71 -15.37
CA GLY B 102 10.41 25.04 -15.45
C GLY B 102 11.34 25.25 -16.63
N SER B 103 11.95 24.19 -17.14
CA SER B 103 12.83 24.26 -18.30
C SER B 103 12.06 24.82 -19.51
N PRO B 104 12.51 25.93 -20.09
CA PRO B 104 11.74 26.57 -21.16
C PRO B 104 12.16 26.14 -22.55
N LEU B 105 11.20 26.20 -23.45
CA LEU B 105 11.37 25.99 -24.88
C LEU B 105 10.60 27.08 -25.61
N MET B 106 10.70 27.09 -26.94
CA MET B 106 9.85 27.92 -27.76
C MET B 106 9.47 27.15 -29.03
N ASN B 107 8.26 27.40 -29.51
CA ASN B 107 7.77 26.73 -30.71
C ASN B 107 7.10 27.76 -31.60
N LYS B 108 6.95 27.40 -32.87
CA LYS B 108 6.07 28.14 -33.77
C LYS B 108 4.74 27.39 -33.85
N LEU B 109 3.71 27.96 -33.24
CA LEU B 109 2.36 27.42 -33.32
C LEU B 109 1.69 27.78 -34.64
N ARG B 110 0.92 26.82 -35.15
CA ARG B 110 0.00 27.02 -36.26
C ARG B 110 -1.37 26.60 -35.76
N LEU B 111 -2.29 27.55 -35.65
CA LEU B 111 -3.64 27.28 -35.16
C LEU B 111 -4.60 27.30 -36.33
N VAL B 112 -5.32 26.20 -36.52
CA VAL B 112 -6.06 25.96 -37.76
C VAL B 112 -7.53 25.77 -37.44
N PRO B 113 -8.36 26.80 -37.59
CA PRO B 113 -9.80 26.63 -37.38
C PRO B 113 -10.38 25.67 -38.42
N ILE B 114 -11.20 24.74 -37.94
CA ILE B 114 -11.85 23.74 -38.78
C ILE B 114 -13.36 23.92 -38.65
N ARG B 115 -14.04 23.95 -39.79
CA ARG B 115 -15.47 24.25 -39.83
C ARG B 115 -16.09 23.47 -40.98
N GLU B 116 -17.42 23.32 -40.94
CA GLU B 116 -18.09 22.51 -41.95
C GLU B 116 -19.35 23.15 -42.55
N GLU B 117 -20.21 23.76 -41.74
CA GLU B 117 -21.55 24.13 -42.23
C GLU B 117 -21.85 25.64 -42.34
N ASP B 118 -20.95 26.59 -42.05
CA ASP B 118 -19.55 26.47 -41.66
C ASP B 118 -19.30 27.22 -40.37
N GLU B 119 -19.48 26.52 -39.25
CA GLU B 119 -19.24 27.07 -37.93
C GLU B 119 -17.98 26.43 -37.36
N ILE B 120 -17.13 27.25 -36.73
CA ILE B 120 -15.86 26.76 -36.22
C ILE B 120 -16.13 25.85 -35.04
N THR B 121 -16.18 24.54 -35.29
CA THR B 121 -16.41 23.56 -34.24
C THR B 121 -15.14 23.17 -33.51
N HIS B 122 -14.02 23.08 -34.24
CA HIS B 122 -12.77 22.56 -33.68
C HIS B 122 -11.62 23.48 -34.02
N PHE B 123 -10.54 23.32 -33.28
CA PHE B 123 -9.27 24.01 -33.53
C PHE B 123 -8.20 22.94 -33.54
N ILE B 124 -7.13 23.16 -34.31
CA ILE B 124 -5.99 22.24 -34.29
C ILE B 124 -4.71 23.07 -34.19
N GLY B 125 -3.92 22.82 -33.14
CA GLY B 125 -2.65 23.48 -32.95
C GLY B 125 -1.51 22.54 -33.35
N VAL B 126 -0.65 23.04 -34.21
CA VAL B 126 0.49 22.27 -34.70
C VAL B 126 1.74 23.03 -34.27
N LEU B 127 2.32 22.63 -33.14
CA LEU B 127 3.42 23.35 -32.53
C LEU B 127 4.70 22.53 -32.59
N LEU B 128 5.79 23.19 -32.97
CA LEU B 128 7.08 22.57 -33.25
C LEU B 128 8.09 23.08 -32.23
N PHE B 129 8.30 22.32 -31.16
CA PHE B 129 9.08 22.80 -30.02
C PHE B 129 10.56 22.93 -30.35
N THR B 130 11.17 23.99 -29.79
CA THR B 130 12.61 24.22 -29.90
C THR B 130 13.07 24.94 -28.64
N ASP B 131 13.95 24.30 -27.87
CA ASP B 131 14.37 24.85 -26.58
C ASP B 131 15.11 26.19 -26.71
N1 FMN C . -0.74 28.88 -26.22
C2 FMN C . 0.56 28.58 -25.86
O2 FMN C . 1.21 29.38 -25.17
N3 FMN C . 1.15 27.40 -26.27
C4 FMN C . 0.43 26.52 -27.04
O4 FMN C . 0.94 25.46 -27.40
C4A FMN C . -0.88 26.81 -27.41
N5 FMN C . -1.61 25.93 -28.18
C5A FMN C . -2.90 26.23 -28.53
C6 FMN C . -3.61 25.32 -29.31
C7 FMN C . -4.92 25.58 -29.69
C7M FMN C . -5.68 24.60 -30.53
C8 FMN C . -5.52 26.76 -29.29
C8M FMN C . -6.93 27.07 -29.69
C9 FMN C . -4.81 27.66 -28.52
C9A FMN C . -3.49 27.43 -28.12
N10 FMN C . -2.77 28.32 -27.32
C10 FMN C . -1.47 28.00 -26.99
C1' FMN C . -3.22 29.67 -26.81
C2' FMN C . -4.60 29.85 -26.19
O2' FMN C . -5.55 30.13 -27.19
C3' FMN C . -4.61 31.04 -25.25
O3' FMN C . -5.88 31.64 -25.33
C4' FMN C . -3.53 32.07 -25.60
O4' FMN C . -2.54 32.11 -24.60
C5' FMN C . -4.12 33.46 -25.77
O5' FMN C . -5.12 33.66 -24.80
P FMN C . -4.96 34.77 -23.65
O1P FMN C . -4.62 36.07 -24.35
O2P FMN C . -6.26 34.93 -22.90
O3P FMN C . -3.87 34.40 -22.67
#